data_6ABX
#
_entry.id   6ABX
#
_cell.length_a   50.181
_cell.length_b   53.522
_cell.length_c   76.285
_cell.angle_alpha   93.560
_cell.angle_beta   105.730
_cell.angle_gamma   102.160
#
_symmetry.space_group_name_H-M   'P 1'
#
loop_
_entity.id
_entity.type
_entity.pdbx_description
1 polymer 'Citrate synthase'
2 non-polymer 'CITRATE ANION'
3 non-polymer GLYCEROL
4 water water
#
_entity_poly.entity_id   1
_entity_poly.type   'polypeptide(L)'
_entity_poly.pdbx_seq_one_letter_code
;MELRKGLEDIAIKETSITYIDGELGRLYYRGYSIFDLASFSNFEEVAYLLWYGKLPTRHELDDFKSRLAEERSISEDIST
FVKRTAKFGNPMDILRTTVSMMGLEDRSEGDLIGKAIKMTAKIPTIISLIQRTRRNQEFVEPDPSLSHSENFLYMIRGER
PSPSDTRVLDVSLMLHMDHEMNASTMACLVVASTLSDIYSSVVAGISALKGPLHGGANSEALKQFMEIETPDNVEKYVMN
KLSSGQRLMGFGHRIYKTMDPRAKILKEYANQLSKNEEIKRLFEIANRVEEIGIKILGKRGIYPNVDFYSGLVFYAMGFD
PDLFPTIFASARVIGWTAHVDEYLKDNKLIRPKAIYVGDLGKRYVPIEERLEHHHHHH
;
_entity_poly.pdbx_strand_id   A,B
#
# COMPACT_ATOMS: atom_id res chain seq x y z
N MET A 1 -11.34 -9.97 -21.39
CA MET A 1 -10.57 -10.15 -22.69
C MET A 1 -10.34 -8.80 -23.39
N GLU A 2 -11.17 -7.79 -23.11
CA GLU A 2 -10.78 -6.43 -23.46
C GLU A 2 -9.93 -5.87 -22.31
N LEU A 3 -8.79 -5.27 -22.66
CA LEU A 3 -7.94 -4.63 -21.72
C LEU A 3 -8.67 -3.38 -21.16
N ARG A 4 -8.63 -3.15 -19.83
CA ARG A 4 -9.16 -1.92 -19.24
C ARG A 4 -8.03 -1.27 -18.46
N LYS A 5 -6.97 -0.90 -19.18
CA LYS A 5 -5.76 -0.34 -18.59
C LYS A 5 -6.11 0.97 -17.88
N GLY A 6 -5.64 1.13 -16.65
CA GLY A 6 -5.92 2.28 -15.81
C GLY A 6 -7.30 2.30 -15.17
N LEU A 7 -8.12 1.27 -15.47
CA LEU A 7 -9.50 1.12 -14.95
C LEU A 7 -10.32 2.37 -15.22
N GLU A 8 -10.10 2.99 -16.38
CA GLU A 8 -10.86 4.17 -16.76
C GLU A 8 -12.33 3.79 -16.86
N ASP A 9 -13.14 4.47 -16.09
CA ASP A 9 -14.58 4.33 -16.11
C ASP A 9 -15.02 2.92 -15.68
N ILE A 10 -14.19 2.22 -14.88
CA ILE A 10 -14.58 0.94 -14.26
C ILE A 10 -14.93 1.20 -12.80
N ALA A 11 -16.17 0.88 -12.42
CA ALA A 11 -16.63 1.09 -11.05
C ALA A 11 -16.23 -0.11 -10.20
N ILE A 12 -15.52 0.21 -9.10
CA ILE A 12 -15.04 -0.85 -8.21
C ILE A 12 -15.83 -0.98 -6.91
N LYS A 13 -16.70 0.00 -6.61
CA LYS A 13 -17.52 -0.06 -5.43
C LYS A 13 -18.72 0.89 -5.59
N GLU A 14 -19.71 0.66 -4.77
CA GLU A 14 -20.78 1.65 -4.57
C GLU A 14 -20.42 2.48 -3.34
N THR A 15 -20.82 3.76 -3.36
CA THR A 15 -20.48 4.62 -2.25
C THR A 15 -21.63 5.55 -1.94
N SER A 16 -21.71 5.96 -0.67
CA SER A 16 -22.58 7.05 -0.27
C SER A 16 -21.76 8.16 0.40
N ILE A 17 -20.42 8.04 0.33
CA ILE A 17 -19.52 9.00 1.01
C ILE A 17 -19.41 10.33 0.26
N THR A 18 -18.94 10.28 -0.98
CA THR A 18 -18.58 11.44 -1.75
C THR A 18 -19.16 11.30 -3.16
N TYR A 19 -19.78 12.39 -3.62
CA TYR A 19 -20.19 12.50 -5.02
C TYR A 19 -19.46 13.67 -5.66
N ILE A 20 -18.85 13.43 -6.83
CA ILE A 20 -18.23 14.44 -7.65
C ILE A 20 -19.10 14.68 -8.87
N ASP A 21 -19.49 15.94 -9.07
CA ASP A 21 -20.15 16.39 -10.30
C ASP A 21 -19.10 17.09 -11.17
N GLY A 22 -18.47 16.32 -12.05
CA GLY A 22 -17.36 16.79 -12.88
C GLY A 22 -17.81 17.88 -13.84
N GLU A 23 -19.03 17.71 -14.35
CA GLU A 23 -19.59 18.64 -15.33
C GLU A 23 -19.80 20.03 -14.74
N LEU A 24 -20.37 20.09 -13.55
CA LEU A 24 -20.84 21.33 -13.01
C LEU A 24 -19.88 21.87 -11.94
N GLY A 25 -18.85 21.10 -11.58
CA GLY A 25 -17.88 21.61 -10.59
C GLY A 25 -18.44 21.59 -9.18
N ARG A 26 -19.17 20.52 -8.85
CA ARG A 26 -19.73 20.35 -7.48
C ARG A 26 -19.17 19.08 -6.81
N LEU A 27 -19.21 19.08 -5.47
CA LEU A 27 -18.61 18.04 -4.63
C LEU A 27 -19.46 17.99 -3.36
N TYR A 28 -19.86 16.79 -2.98
CA TYR A 28 -20.68 16.55 -1.79
C TYR A 28 -20.05 15.48 -0.90
N TYR A 29 -20.11 15.71 0.41
CA TYR A 29 -19.73 14.75 1.43
C TYR A 29 -21.01 14.32 2.16
N ARG A 30 -21.38 13.05 2.04
CA ARG A 30 -22.61 12.50 2.66
C ARG A 30 -23.80 13.39 2.35
N GLY A 31 -23.84 13.89 1.13
CA GLY A 31 -24.95 14.67 0.60
C GLY A 31 -24.89 16.16 0.85
N TYR A 32 -23.94 16.61 1.69
CA TYR A 32 -23.74 18.05 1.98
C TYR A 32 -22.73 18.68 1.01
N SER A 33 -23.11 19.85 0.48
CA SER A 33 -22.25 20.56 -0.47
C SER A 33 -20.94 20.97 0.21
N ILE A 34 -19.81 20.79 -0.51
CA ILE A 34 -18.53 21.21 0.04
C ILE A 34 -18.53 22.72 0.32
N PHE A 35 -19.27 23.50 -0.48
CA PHE A 35 -19.39 24.93 -0.25
C PHE A 35 -19.97 25.25 1.14
N ASP A 36 -21.07 24.57 1.52
CA ASP A 36 -21.70 24.75 2.79
C ASP A 36 -20.80 24.26 3.94
N LEU A 37 -20.10 23.13 3.76
CA LEU A 37 -19.23 22.66 4.83
C LEU A 37 -18.07 23.65 5.01
N ALA A 38 -17.52 24.18 3.91
CA ALA A 38 -16.48 25.17 4.03
C ALA A 38 -16.96 26.48 4.68
N SER A 39 -18.18 26.89 4.38
CA SER A 39 -18.76 28.06 4.96
C SER A 39 -19.00 27.92 6.47
N PHE A 40 -19.56 26.78 6.87
CA PHE A 40 -20.17 26.70 8.18
C PHE A 40 -19.59 25.62 9.08
N SER A 41 -18.85 24.64 8.53
CA SER A 41 -18.45 23.48 9.34
C SER A 41 -17.00 23.61 9.81
N ASN A 42 -16.44 22.52 10.38
CA ASN A 42 -15.11 22.55 10.89
C ASN A 42 -14.50 21.15 10.75
N PHE A 43 -13.18 21.04 10.89
CA PHE A 43 -12.46 19.77 10.69
C PHE A 43 -13.14 18.61 11.45
N GLU A 44 -13.33 18.77 12.74
CA GLU A 44 -13.88 17.67 13.53
C GLU A 44 -15.33 17.32 13.13
N GLU A 45 -16.13 18.34 12.81
CA GLU A 45 -17.51 18.04 12.46
C GLU A 45 -17.56 17.24 11.14
N VAL A 46 -16.73 17.63 10.15
CA VAL A 46 -16.73 16.88 8.88
C VAL A 46 -16.12 15.48 9.05
N ALA A 47 -15.09 15.30 9.88
CA ALA A 47 -14.55 13.96 10.16
C ALA A 47 -15.64 13.09 10.78
N TYR A 48 -16.43 13.68 11.69
CA TYR A 48 -17.57 12.95 12.28
C TYR A 48 -18.54 12.53 11.17
N LEU A 49 -18.89 13.49 10.34
CA LEU A 49 -19.85 13.23 9.24
C LEU A 49 -19.37 12.09 8.35
N LEU A 50 -18.08 12.16 7.96
CA LEU A 50 -17.59 11.16 7.02
C LEU A 50 -17.58 9.78 7.65
N TRP A 51 -17.14 9.66 8.91
CA TRP A 51 -17.02 8.34 9.57
C TRP A 51 -18.37 7.78 10.00
N TYR A 52 -19.26 8.63 10.51
CA TYR A 52 -20.51 8.11 11.17
C TYR A 52 -21.77 8.35 10.36
N GLY A 53 -21.71 9.16 9.30
CA GLY A 53 -22.75 9.26 8.31
C GLY A 53 -23.79 10.33 8.58
N LYS A 54 -23.63 11.10 9.66
CA LYS A 54 -24.61 12.12 10.00
C LYS A 54 -23.89 13.27 10.69
N LEU A 55 -24.51 14.46 10.63
CA LEU A 55 -23.99 15.57 11.41
C LEU A 55 -24.19 15.30 12.89
N PRO A 56 -23.19 15.65 13.73
CA PRO A 56 -23.27 15.37 15.15
C PRO A 56 -24.14 16.38 15.92
N THR A 57 -24.71 15.94 17.03
CA THR A 57 -25.25 16.91 17.98
C THR A 57 -24.12 17.62 18.71
N ARG A 58 -24.48 18.69 19.43
CA ARG A 58 -23.55 19.40 20.25
C ARG A 58 -22.78 18.45 21.19
N HIS A 59 -23.48 17.58 21.90
CA HIS A 59 -22.84 16.64 22.82
C HIS A 59 -21.96 15.63 22.07
N GLU A 60 -22.44 15.11 20.94
CA GLU A 60 -21.70 14.13 20.19
C GLU A 60 -20.39 14.77 19.71
N LEU A 61 -20.46 16.03 19.27
CA LEU A 61 -19.27 16.68 18.70
C LEU A 61 -18.26 17.01 19.81
N ASP A 62 -18.77 17.45 20.97
CA ASP A 62 -17.92 17.73 22.14
C ASP A 62 -17.15 16.47 22.57
N ASP A 63 -17.83 15.34 22.67
CA ASP A 63 -17.19 14.08 23.03
C ASP A 63 -16.12 13.70 21.99
N PHE A 64 -16.44 13.85 20.70
CA PHE A 64 -15.61 13.41 19.58
C PHE A 64 -14.37 14.29 19.50
N LYS A 65 -14.56 15.60 19.69
CA LYS A 65 -13.40 16.58 19.69
C LYS A 65 -12.42 16.18 20.80
N SER A 66 -12.95 15.78 21.95
CA SER A 66 -12.12 15.31 23.08
C SER A 66 -11.38 14.03 22.76
N ARG A 67 -12.05 13.10 22.11
CA ARG A 67 -11.49 11.87 21.78
C ARG A 67 -10.30 12.04 20.84
N LEU A 68 -10.48 12.84 19.77
CA LEU A 68 -9.35 13.13 18.87
C LEU A 68 -8.20 13.81 19.64
N ALA A 69 -8.51 14.84 20.39
CA ALA A 69 -7.50 15.70 21.02
C ALA A 69 -6.62 14.86 21.97
N GLU A 70 -7.26 13.88 22.65
CA GLU A 70 -6.56 13.04 23.61
C GLU A 70 -5.80 11.85 22.94
N GLU A 71 -5.71 11.77 21.59
CA GLU A 71 -5.07 10.67 20.91
C GLU A 71 -3.88 11.16 20.04
N ARG A 72 -3.43 12.37 20.30
CA ARG A 72 -2.44 13.08 19.44
C ARG A 72 -0.97 12.72 19.70
N SER A 73 -0.62 12.11 20.85
CA SER A 73 0.78 11.86 21.24
C SER A 73 1.34 10.72 20.42
N ILE A 74 2.64 10.82 20.13
CA ILE A 74 3.32 9.75 19.43
C ILE A 74 4.33 9.07 20.37
N SER A 75 4.63 7.82 20.03
CA SER A 75 5.54 7.02 20.83
C SER A 75 6.95 7.56 20.77
N GLU A 76 7.74 7.21 21.80
CA GLU A 76 9.15 7.59 21.80
C GLU A 76 9.89 7.05 20.56
N ASP A 77 9.58 5.80 20.17
CA ASP A 77 10.21 5.15 19.04
C ASP A 77 9.96 5.99 17.78
N ILE A 78 8.72 6.49 17.66
CA ILE A 78 8.31 7.21 16.44
C ILE A 78 8.94 8.60 16.46
N SER A 79 8.89 9.27 17.62
CA SER A 79 9.44 10.60 17.68
C SER A 79 10.94 10.55 17.45
N THR A 80 11.65 9.58 18.05
CA THR A 80 13.09 9.45 17.82
C THR A 80 13.39 9.22 16.33
N PHE A 81 12.63 8.34 15.69
CA PHE A 81 12.77 8.07 14.27
C PHE A 81 12.62 9.35 13.43
N VAL A 82 11.59 10.14 13.74
CA VAL A 82 11.40 11.37 12.99
C VAL A 82 12.58 12.32 13.17
N LYS A 83 13.05 12.51 14.41
CA LYS A 83 14.19 13.40 14.64
C LYS A 83 15.42 12.97 13.83
N ARG A 84 15.64 11.65 13.76
CA ARG A 84 16.77 11.06 13.14
C ARG A 84 16.73 11.35 11.64
N THR A 85 15.51 11.36 11.06
CA THR A 85 15.37 11.30 9.58
C THR A 85 14.79 12.57 8.95
N ALA A 86 14.33 13.51 9.77
CA ALA A 86 13.61 14.68 9.24
C ALA A 86 14.42 15.45 8.19
N LYS A 87 15.71 15.63 8.46
CA LYS A 87 16.52 16.49 7.58
C LYS A 87 16.97 15.77 6.30
N PHE A 88 16.98 14.44 6.28
CA PHE A 88 17.54 13.70 5.16
C PHE A 88 16.48 12.94 4.35
N GLY A 89 15.39 12.52 5.00
CA GLY A 89 14.45 11.65 4.37
C GLY A 89 13.36 12.40 3.63
N ASN A 90 12.83 11.76 2.60
CA ASN A 90 11.66 12.24 1.89
C ASN A 90 10.51 12.21 2.89
N PRO A 91 9.75 13.32 3.05
CA PRO A 91 8.79 13.35 4.15
C PRO A 91 7.68 12.32 4.00
N MET A 92 7.32 11.98 2.76
CA MET A 92 6.33 10.91 2.54
C MET A 92 6.91 9.54 2.92
N ASP A 93 8.21 9.32 2.76
CA ASP A 93 8.86 8.12 3.24
C ASP A 93 8.83 8.08 4.76
N ILE A 94 9.03 9.24 5.42
CA ILE A 94 8.99 9.28 6.85
C ILE A 94 7.57 8.95 7.32
N LEU A 95 6.57 9.55 6.68
CA LEU A 95 5.19 9.31 7.10
C LEU A 95 4.80 7.84 6.82
N ARG A 96 5.22 7.29 5.67
CA ARG A 96 4.95 5.86 5.33
C ARG A 96 5.50 5.00 6.48
N THR A 97 6.75 5.27 6.87
CA THR A 97 7.44 4.44 7.87
C THR A 97 6.83 4.60 9.26
N THR A 98 6.45 5.82 9.65
CA THR A 98 5.89 6.04 11.00
C THR A 98 4.46 5.50 11.14
N VAL A 99 3.60 5.60 10.12
CA VAL A 99 2.31 4.95 10.18
C VAL A 99 2.46 3.44 10.22
N SER A 100 3.47 2.90 9.52
CA SER A 100 3.78 1.47 9.60
C SER A 100 4.14 1.09 11.04
N MET A 101 4.97 1.91 11.68
CA MET A 101 5.36 1.71 13.08
C MET A 101 4.16 1.82 14.01
N MET A 102 3.28 2.79 13.77
CA MET A 102 2.09 2.95 14.55
C MET A 102 1.25 1.67 14.57
N GLY A 103 1.07 1.06 13.38
CA GLY A 103 0.33 -0.17 13.18
C GLY A 103 0.99 -1.34 13.94
N LEU A 104 2.32 -1.44 13.83
CA LEU A 104 3.10 -2.46 14.48
C LEU A 104 2.93 -2.35 15.99
N GLU A 105 2.87 -1.11 16.49
CA GLU A 105 2.81 -0.84 17.92
C GLU A 105 1.38 -1.04 18.47
N ASP A 106 0.33 -1.06 17.64
CA ASP A 106 -1.02 -1.15 18.11
C ASP A 106 -1.50 -2.61 18.05
N ARG A 107 -1.48 -3.26 19.21
CA ARG A 107 -1.75 -4.69 19.32
C ARG A 107 -3.24 -4.94 19.58
N SER A 108 -4.06 -3.88 19.70
CA SER A 108 -5.52 -4.03 19.91
C SER A 108 -6.15 -4.67 18.66
N GLU A 109 -7.31 -5.32 18.84
CA GLU A 109 -8.04 -6.02 17.73
C GLU A 109 -9.29 -5.24 17.32
N GLY A 110 -9.64 -5.33 16.03
CA GLY A 110 -10.80 -4.65 15.46
C GLY A 110 -10.70 -3.12 15.58
N ASP A 111 -11.85 -2.50 15.83
CA ASP A 111 -12.03 -1.07 16.05
C ASP A 111 -11.37 -0.24 14.92
N LEU A 112 -11.88 -0.43 13.71
CA LEU A 112 -11.37 0.32 12.51
C LEU A 112 -11.43 1.82 12.81
N ILE A 113 -12.60 2.30 13.25
CA ILE A 113 -12.76 3.77 13.32
C ILE A 113 -11.87 4.31 14.45
N GLY A 114 -11.72 3.55 15.56
CA GLY A 114 -10.80 4.00 16.64
C GLY A 114 -9.36 4.14 16.14
N LYS A 115 -8.93 3.20 15.30
CA LYS A 115 -7.56 3.26 14.72
C LYS A 115 -7.45 4.40 13.71
N ALA A 116 -8.54 4.67 12.97
CA ALA A 116 -8.61 5.80 12.02
C ALA A 116 -8.45 7.12 12.80
N ILE A 117 -9.11 7.19 13.94
CA ILE A 117 -9.04 8.39 14.83
C ILE A 117 -7.62 8.57 15.35
N LYS A 118 -6.94 7.48 15.74
CA LYS A 118 -5.57 7.59 16.19
C LYS A 118 -4.66 8.14 15.08
N MET A 119 -4.78 7.59 13.88
CA MET A 119 -3.93 8.03 12.77
C MET A 119 -4.21 9.52 12.46
N THR A 120 -5.47 9.92 12.45
CA THR A 120 -5.88 11.24 12.11
C THR A 120 -5.35 12.24 13.16
N ALA A 121 -5.37 11.85 14.43
CA ALA A 121 -4.85 12.66 15.51
C ALA A 121 -3.34 12.79 15.43
N LYS A 122 -2.64 11.72 15.11
CA LYS A 122 -1.21 11.68 15.27
C LYS A 122 -0.44 12.15 14.05
N ILE A 123 -1.01 12.07 12.85
CA ILE A 123 -0.24 12.47 11.69
C ILE A 123 0.25 13.91 11.81
N PRO A 124 -0.57 14.90 12.21
CA PRO A 124 -0.07 16.26 12.37
C PRO A 124 1.08 16.37 13.35
N THR A 125 1.09 15.54 14.38
CA THR A 125 2.18 15.57 15.34
C THR A 125 3.50 15.19 14.65
N ILE A 126 3.43 14.18 13.80
CA ILE A 126 4.62 13.70 13.04
C ILE A 126 5.07 14.78 12.07
N ILE A 127 4.11 15.35 11.32
CA ILE A 127 4.46 16.35 10.33
C ILE A 127 5.15 17.54 11.00
N SER A 128 4.56 17.98 12.10
CA SER A 128 5.06 19.14 12.86
C SER A 128 6.50 18.88 13.37
N LEU A 129 6.76 17.68 13.90
CA LEU A 129 8.11 17.32 14.35
C LEU A 129 9.10 17.26 13.19
N ILE A 130 8.67 16.81 12.00
CA ILE A 130 9.54 16.92 10.84
C ILE A 130 9.90 18.40 10.63
N GLN A 131 8.89 19.27 10.57
CA GLN A 131 9.13 20.66 10.24
C GLN A 131 10.02 21.35 11.28
N ARG A 132 9.72 21.16 12.56
CA ARG A 132 10.47 21.79 13.67
C ARG A 132 11.92 21.31 13.59
N THR A 133 12.10 20.01 13.35
CA THR A 133 13.48 19.41 13.35
C THR A 133 14.30 20.04 12.21
N ARG A 134 13.68 20.21 11.04
CA ARG A 134 14.39 20.74 9.90
C ARG A 134 14.89 22.16 10.19
N ARG A 135 14.11 22.92 10.97
CA ARG A 135 14.44 24.31 11.34
C ARG A 135 15.27 24.40 12.60
N ASN A 136 15.79 23.28 13.10
CA ASN A 136 16.55 23.25 14.37
C ASN A 136 15.75 23.79 15.55
N GLN A 137 14.44 23.50 15.58
CA GLN A 137 13.53 23.91 16.62
C GLN A 137 13.08 22.68 17.40
N GLU A 138 12.72 22.90 18.65
CA GLU A 138 12.33 21.86 19.55
C GLU A 138 10.89 21.41 19.24
N PHE A 139 10.71 20.11 19.42
CA PHE A 139 9.40 19.50 19.36
C PHE A 139 8.43 20.30 20.24
N VAL A 140 7.30 20.69 19.67
CA VAL A 140 6.19 21.26 20.39
C VAL A 140 5.13 20.18 20.55
N GLU A 141 4.93 19.74 21.78
CA GLU A 141 4.01 18.60 21.99
C GLU A 141 2.60 19.10 21.75
N PRO A 142 1.69 18.19 21.32
CA PRO A 142 0.31 18.59 21.14
C PRO A 142 -0.34 19.08 22.43
N ASP A 143 -1.23 20.04 22.23
CA ASP A 143 -1.99 20.65 23.33
C ASP A 143 -3.44 20.21 23.19
N PRO A 144 -3.87 19.27 24.05
CA PRO A 144 -5.20 18.67 23.93
C PRO A 144 -6.35 19.62 24.30
N SER A 145 -6.06 20.84 24.75
CA SER A 145 -7.10 21.85 24.93
C SER A 145 -7.43 22.58 23.63
N LEU A 146 -6.64 22.38 22.58
CA LEU A 146 -6.82 23.06 21.34
C LEU A 146 -7.56 22.15 20.35
N SER A 147 -8.34 22.77 19.47
CA SER A 147 -8.95 22.03 18.37
C SER A 147 -7.90 21.65 17.32
N HIS A 148 -8.32 20.77 16.42
CA HIS A 148 -7.37 20.11 15.51
C HIS A 148 -6.51 21.13 14.78
N SER A 149 -7.14 22.06 14.07
CA SER A 149 -6.37 22.97 13.18
C SER A 149 -5.57 23.98 14.02
N GLU A 150 -6.15 24.45 15.12
CA GLU A 150 -5.43 25.39 16.01
C GLU A 150 -4.15 24.70 16.54
N ASN A 151 -4.30 23.45 16.97
CA ASN A 151 -3.19 22.69 17.49
C ASN A 151 -2.11 22.47 16.42
N PHE A 152 -2.52 22.19 15.18
CA PHE A 152 -1.58 21.91 14.12
C PHE A 152 -0.66 23.14 13.91
N LEU A 153 -1.25 24.31 13.89
CA LEU A 153 -0.46 25.55 13.73
C LEU A 153 0.40 25.82 14.97
N TYR A 154 -0.14 25.52 16.14
CA TYR A 154 0.60 25.66 17.41
C TYR A 154 1.87 24.79 17.40
N MET A 155 1.76 23.57 16.90
CA MET A 155 2.88 22.65 16.91
C MET A 155 3.97 23.09 15.91
N ILE A 156 3.60 23.79 14.83
CA ILE A 156 4.59 24.33 13.87
C ILE A 156 5.25 25.59 14.41
N ARG A 157 4.43 26.52 14.93
CA ARG A 157 4.90 27.86 15.28
C ARG A 157 5.43 27.92 16.70
N GLY A 158 4.89 27.08 17.58
CA GLY A 158 5.24 27.11 19.01
C GLY A 158 4.51 28.21 19.76
N GLU A 159 3.53 28.84 19.12
CA GLU A 159 2.61 29.75 19.78
C GLU A 159 1.24 29.61 19.12
N ARG A 160 0.19 29.97 19.85
CA ARG A 160 -1.15 29.80 19.36
C ARG A 160 -1.39 30.74 18.19
N PRO A 161 -2.05 30.26 17.13
CA PRO A 161 -2.28 31.07 15.95
C PRO A 161 -3.45 32.05 16.11
N SER A 162 -3.57 32.96 15.13
CA SER A 162 -4.78 33.80 15.00
C SER A 162 -5.97 32.95 14.61
N PRO A 163 -7.19 33.29 15.08
CA PRO A 163 -8.41 32.62 14.60
C PRO A 163 -8.61 32.61 13.07
N SER A 164 -8.16 33.66 12.37
CA SER A 164 -8.26 33.69 10.89
C SER A 164 -7.31 32.67 10.27
N ASP A 165 -6.08 32.55 10.77
CA ASP A 165 -5.16 31.50 10.27
C ASP A 165 -5.76 30.13 10.55
N THR A 166 -6.26 29.91 11.75
CA THR A 166 -6.85 28.63 12.09
C THR A 166 -7.97 28.29 11.11
N ARG A 167 -8.87 29.23 10.86
CA ARG A 167 -9.99 28.97 10.01
C ARG A 167 -9.54 28.57 8.60
N VAL A 168 -8.56 29.27 8.05
CA VAL A 168 -8.03 28.96 6.70
C VAL A 168 -7.46 27.54 6.66
N LEU A 169 -6.70 27.16 7.68
CA LEU A 169 -6.15 25.79 7.72
C LEU A 169 -7.30 24.77 7.80
N ASP A 170 -8.31 25.06 8.67
CA ASP A 170 -9.41 24.18 8.88
C ASP A 170 -10.14 23.90 7.55
N VAL A 171 -10.48 24.95 6.81
CA VAL A 171 -11.12 24.79 5.53
C VAL A 171 -10.21 24.04 4.54
N SER A 172 -8.92 24.43 4.44
CA SER A 172 -8.05 23.76 3.54
C SER A 172 -7.94 22.24 3.82
N LEU A 173 -7.94 21.82 5.09
CA LEU A 173 -7.94 20.40 5.42
C LEU A 173 -9.30 19.76 5.07
N MET A 174 -10.45 20.44 5.35
CA MET A 174 -11.76 19.80 5.03
C MET A 174 -11.84 19.51 3.53
N LEU A 175 -11.29 20.40 2.71
CA LEU A 175 -11.31 20.31 1.27
C LEU A 175 -10.56 19.09 0.73
N HIS A 176 -9.63 18.53 1.52
CA HIS A 176 -8.81 17.37 1.14
C HIS A 176 -9.27 16.04 1.74
N MET A 177 -10.39 15.98 2.51
CA MET A 177 -10.68 14.81 3.29
C MET A 177 -11.10 13.64 2.40
N ASP A 178 -11.79 13.90 1.28
CA ASP A 178 -12.14 12.79 0.43
C ASP A 178 -12.36 13.25 -1.01
N HIS A 179 -12.13 12.32 -1.96
CA HIS A 179 -12.45 12.65 -3.36
C HIS A 179 -12.86 11.39 -4.11
N GLU A 180 -13.63 10.51 -3.44
CA GLU A 180 -14.18 9.31 -4.09
C GLU A 180 -12.95 8.44 -4.46
N MET A 181 -12.85 7.98 -5.71
CA MET A 181 -12.03 6.83 -6.01
C MET A 181 -10.62 7.03 -6.68
N ASN A 182 -9.78 7.81 -6.13
CA ASN A 182 -8.54 8.08 -6.80
C ASN A 182 -7.59 6.87 -6.57
N ALA A 183 -6.39 6.97 -7.10
CA ALA A 183 -5.39 5.90 -7.01
C ALA A 183 -5.07 5.54 -5.56
N SER A 184 -4.92 6.52 -4.66
CA SER A 184 -4.59 6.22 -3.27
C SER A 184 -5.75 5.51 -2.55
N THR A 185 -6.98 5.96 -2.76
CA THR A 185 -8.12 5.27 -2.19
C THR A 185 -8.19 3.84 -2.74
N MET A 186 -7.90 3.66 -4.03
CA MET A 186 -7.89 2.32 -4.60
C MET A 186 -6.81 1.45 -3.91
N ALA A 187 -5.62 1.98 -3.64
CA ALA A 187 -4.56 1.20 -2.97
C ALA A 187 -5.05 0.72 -1.61
N CYS A 188 -5.73 1.62 -0.88
CA CYS A 188 -6.23 1.31 0.44
C CYS A 188 -7.23 0.15 0.31
N LEU A 189 -8.08 0.23 -0.71
CA LEU A 189 -9.18 -0.75 -0.87
C LEU A 189 -8.62 -2.12 -1.32
N VAL A 190 -7.59 -2.14 -2.18
CA VAL A 190 -7.00 -3.42 -2.58
C VAL A 190 -6.48 -4.15 -1.34
N VAL A 191 -5.76 -3.41 -0.51
CA VAL A 191 -5.20 -3.99 0.73
C VAL A 191 -6.33 -4.45 1.65
N ALA A 192 -7.36 -3.60 1.84
CA ALA A 192 -8.44 -3.95 2.79
C ALA A 192 -9.20 -5.20 2.34
N SER A 193 -9.27 -5.37 1.00
CA SER A 193 -10.05 -6.46 0.38
C SER A 193 -9.49 -7.83 0.77
N THR A 194 -8.24 -7.89 1.22
CA THR A 194 -7.60 -9.13 1.65
C THR A 194 -7.87 -9.42 3.14
N LEU A 195 -8.55 -8.49 3.83
CA LEU A 195 -8.81 -8.47 5.27
C LEU A 195 -7.53 -8.18 6.06
N SER A 196 -6.56 -7.51 5.42
CA SER A 196 -5.48 -6.90 6.11
C SER A 196 -6.00 -5.76 6.97
N ASP A 197 -5.17 -5.31 7.89
CA ASP A 197 -5.63 -4.33 8.90
C ASP A 197 -5.65 -2.90 8.33
N ILE A 198 -6.31 -1.98 9.06
CA ILE A 198 -6.55 -0.65 8.56
C ILE A 198 -5.24 0.16 8.48
N TYR A 199 -4.27 -0.09 9.35
CA TYR A 199 -2.95 0.58 9.22
C TYR A 199 -2.25 0.17 7.93
N SER A 200 -2.27 -1.13 7.59
CA SER A 200 -1.73 -1.63 6.31
C SER A 200 -2.38 -0.90 5.14
N SER A 201 -3.71 -0.71 5.23
CA SER A 201 -4.45 0.04 4.15
C SER A 201 -3.90 1.45 3.98
N VAL A 202 -3.82 2.18 5.10
CA VAL A 202 -3.38 3.54 5.09
C VAL A 202 -1.93 3.65 4.63
N VAL A 203 -1.05 2.73 5.06
CA VAL A 203 0.31 2.69 4.56
C VAL A 203 0.32 2.58 3.03
N ALA A 204 -0.53 1.74 2.43
CA ALA A 204 -0.59 1.67 1.01
C ALA A 204 -1.12 2.96 0.40
N GLY A 205 -2.13 3.60 1.03
CA GLY A 205 -2.62 4.91 0.59
C GLY A 205 -1.49 5.97 0.49
N ILE A 206 -0.68 6.03 1.54
CA ILE A 206 0.45 6.98 1.59
C ILE A 206 1.48 6.66 0.50
N SER A 207 1.75 5.37 0.33
CA SER A 207 2.68 4.89 -0.69
C SER A 207 2.24 5.37 -2.09
N ALA A 208 0.93 5.28 -2.42
CA ALA A 208 0.36 5.74 -3.70
C ALA A 208 0.37 7.26 -3.83
N LEU A 209 -0.06 7.93 -2.76
CA LEU A 209 -0.21 9.40 -2.75
C LEU A 209 1.14 10.08 -2.96
N LYS A 210 2.24 9.41 -2.61
CA LYS A 210 3.60 10.00 -2.85
C LYS A 210 3.84 10.27 -4.34
N GLY A 211 3.34 9.41 -5.22
CA GLY A 211 3.71 9.44 -6.58
C GLY A 211 3.23 10.71 -7.28
N PRO A 212 4.07 11.34 -8.11
CA PRO A 212 3.71 12.63 -8.71
C PRO A 212 2.52 12.60 -9.67
N LEU A 213 2.14 11.42 -10.19
CA LEU A 213 1.04 11.30 -11.11
C LEU A 213 -0.31 11.11 -10.38
N HIS A 214 -0.30 10.94 -9.05
CA HIS A 214 -1.55 10.72 -8.31
C HIS A 214 -2.53 11.85 -8.65
N GLY A 215 -1.97 13.06 -8.63
CA GLY A 215 -2.70 14.29 -8.74
C GLY A 215 -3.04 14.88 -7.39
N GLY A 216 -3.02 16.23 -7.32
CA GLY A 216 -3.48 16.99 -6.17
C GLY A 216 -2.43 17.20 -5.09
N ALA A 217 -1.45 16.31 -4.97
CA ALA A 217 -0.68 16.11 -3.69
C ALA A 217 0.78 16.49 -3.92
N ASN A 218 0.97 17.68 -4.48
CA ASN A 218 2.23 18.20 -4.84
C ASN A 218 2.19 19.74 -4.66
N SER A 219 3.38 20.40 -4.67
CA SER A 219 3.52 21.89 -4.63
C SER A 219 4.15 22.44 -5.94
N GLU A 220 3.91 21.78 -7.08
CA GLU A 220 4.46 22.16 -8.37
C GLU A 220 4.00 23.58 -8.79
N ALA A 221 2.74 23.90 -8.51
CA ALA A 221 2.24 25.20 -8.90
C ALA A 221 2.92 26.28 -8.07
N LEU A 222 3.16 25.99 -6.79
CA LEU A 222 3.80 27.00 -5.94
C LEU A 222 5.22 27.27 -6.44
N LYS A 223 5.96 26.22 -6.79
CA LYS A 223 7.32 26.36 -7.33
C LYS A 223 7.29 27.28 -8.55
N GLN A 224 6.33 27.07 -9.44
CA GLN A 224 6.11 27.91 -10.65
C GLN A 224 5.94 29.37 -10.23
N PHE A 225 5.04 29.63 -9.27
CA PHE A 225 4.81 31.01 -8.83
C PHE A 225 6.13 31.64 -8.30
N MET A 226 6.91 30.85 -7.55
CA MET A 226 8.15 31.34 -6.97
C MET A 226 9.14 31.64 -8.11
N GLU A 227 9.17 30.79 -9.13
CA GLU A 227 10.12 31.02 -10.28
C GLU A 227 9.72 32.28 -11.07
N ILE A 228 8.42 32.59 -11.15
CA ILE A 228 7.93 33.77 -11.86
C ILE A 228 8.47 35.02 -11.15
N GLU A 229 8.45 34.98 -9.81
CA GLU A 229 9.06 35.99 -8.91
C GLU A 229 8.23 37.28 -8.79
N THR A 230 7.88 37.90 -9.93
CA THR A 230 7.17 39.16 -9.90
C THR A 230 5.92 39.06 -10.77
N PRO A 231 4.82 39.73 -10.38
CA PRO A 231 3.61 39.72 -11.18
C PRO A 231 3.79 40.15 -12.66
N ASP A 232 4.72 41.08 -12.90
CA ASP A 232 4.97 41.64 -14.25
C ASP A 232 5.65 40.61 -15.16
N ASN A 233 6.25 39.58 -14.57
CA ASN A 233 6.89 38.51 -15.30
C ASN A 233 5.91 37.36 -15.64
N VAL A 234 4.62 37.43 -15.29
CA VAL A 234 3.76 36.28 -15.49
C VAL A 234 3.58 35.93 -16.98
N GLU A 235 3.29 36.95 -17.81
CA GLU A 235 2.96 36.70 -19.22
C GLU A 235 4.18 36.08 -19.92
N LYS A 236 5.36 36.61 -19.61
CA LYS A 236 6.62 36.13 -20.20
C LYS A 236 6.94 34.69 -19.77
N TYR A 237 6.77 34.40 -18.48
CA TYR A 237 7.08 33.05 -17.98
C TYR A 237 6.13 32.02 -18.60
N VAL A 238 4.85 32.38 -18.68
CA VAL A 238 3.84 31.49 -19.18
C VAL A 238 4.15 31.27 -20.66
N MET A 239 4.62 32.33 -21.35
CA MET A 239 4.94 32.22 -22.78
C MET A 239 6.07 31.21 -22.99
N ASN A 240 7.10 31.29 -22.15
CA ASN A 240 8.23 30.35 -22.23
C ASN A 240 7.76 28.89 -22.05
N LYS A 241 6.82 28.67 -21.11
CA LYS A 241 6.25 27.35 -20.88
C LYS A 241 5.35 26.89 -22.04
N LEU A 242 4.28 27.61 -22.35
CA LEU A 242 3.33 27.14 -23.34
C LEU A 242 4.04 26.98 -24.70
N SER A 243 4.98 27.88 -25.02
CA SER A 243 5.61 27.86 -26.37
C SER A 243 6.33 26.52 -26.53
N SER A 244 6.89 26.04 -25.42
CA SER A 244 7.79 24.87 -25.43
C SER A 244 7.01 23.59 -25.09
N GLY A 245 5.69 23.69 -25.02
CA GLY A 245 4.86 22.55 -24.83
C GLY A 245 4.90 22.01 -23.40
N GLN A 246 5.37 22.84 -22.44
CA GLN A 246 5.27 22.51 -20.97
C GLN A 246 3.88 22.85 -20.42
N ARG A 247 3.45 22.19 -19.33
CA ARG A 247 2.14 22.56 -18.82
C ARG A 247 2.31 23.69 -17.80
N LEU A 248 1.21 24.42 -17.64
CA LEU A 248 1.03 25.27 -16.47
C LEU A 248 0.65 24.33 -15.33
N MET A 249 1.39 24.40 -14.22
CA MET A 249 1.14 23.53 -13.15
C MET A 249 -0.12 24.03 -12.44
N GLY A 250 -0.84 23.08 -11.87
CA GLY A 250 -2.08 23.34 -11.16
C GLY A 250 -3.31 23.40 -12.05
N PHE A 251 -3.17 23.05 -13.34
CA PHE A 251 -4.29 23.08 -14.29
C PHE A 251 -4.53 21.67 -14.77
N GLY A 252 -5.74 21.38 -15.18
CA GLY A 252 -6.08 20.11 -15.72
C GLY A 252 -6.73 19.27 -14.65
N HIS A 253 -7.76 18.52 -15.05
CA HIS A 253 -8.26 17.45 -14.24
C HIS A 253 -8.73 16.36 -15.20
N ARG A 254 -8.52 15.13 -14.76
CA ARG A 254 -9.16 14.02 -15.34
C ARG A 254 -10.66 14.10 -15.06
N ILE A 255 -11.14 14.96 -14.13
CA ILE A 255 -12.54 14.84 -13.61
C ILE A 255 -13.36 16.13 -13.78
N TYR A 256 -12.90 17.26 -13.25
CA TYR A 256 -13.70 18.46 -13.36
C TYR A 256 -13.54 19.06 -14.76
N LYS A 257 -14.67 19.48 -15.34
CA LYS A 257 -14.67 20.08 -16.68
C LYS A 257 -14.96 21.57 -16.54
N THR A 258 -14.72 22.08 -15.32
CA THR A 258 -14.79 23.46 -14.98
C THR A 258 -13.85 23.65 -13.77
N MET A 259 -13.85 24.85 -13.21
CA MET A 259 -13.02 25.20 -12.03
C MET A 259 -13.30 24.13 -10.98
N ASP A 260 -12.24 23.52 -10.41
CA ASP A 260 -12.40 22.61 -9.29
C ASP A 260 -13.07 23.37 -8.15
N PRO A 261 -14.16 22.88 -7.53
CA PRO A 261 -14.80 23.63 -6.46
C PRO A 261 -13.88 23.88 -5.26
N ARG A 262 -12.94 22.95 -5.05
CA ARG A 262 -11.99 23.08 -3.94
C ARG A 262 -11.05 24.24 -4.23
N ALA A 263 -10.68 24.45 -5.51
CA ALA A 263 -9.86 25.60 -5.89
C ALA A 263 -10.60 26.93 -5.68
N LYS A 264 -11.88 26.96 -6.05
CA LYS A 264 -12.70 28.16 -5.90
C LYS A 264 -12.74 28.54 -4.42
N ILE A 265 -12.91 27.54 -3.56
CA ILE A 265 -13.07 27.81 -2.14
C ILE A 265 -11.74 28.29 -1.56
N LEU A 266 -10.63 27.61 -1.91
CA LEU A 266 -9.34 28.03 -1.41
C LEU A 266 -9.02 29.46 -1.83
N LYS A 267 -9.34 29.82 -3.08
CA LYS A 267 -9.07 31.15 -3.56
C LYS A 267 -9.81 32.22 -2.70
N GLU A 268 -11.04 31.92 -2.33
CA GLU A 268 -11.85 32.82 -1.51
C GLU A 268 -11.25 32.93 -0.11
N TYR A 269 -10.92 31.78 0.49
CA TYR A 269 -10.44 31.78 1.90
C TYR A 269 -9.03 32.36 1.99
N ALA A 270 -8.25 32.24 0.92
CA ALA A 270 -6.93 32.85 0.87
C ALA A 270 -7.04 34.35 1.11
N ASN A 271 -8.11 35.00 0.69
CA ASN A 271 -8.26 36.46 0.94
C ASN A 271 -8.16 36.81 2.43
N GLN A 272 -8.66 35.92 3.30
CA GLN A 272 -8.71 36.14 4.75
C GLN A 272 -7.34 35.96 5.41
N LEU A 273 -6.34 35.42 4.72
CA LEU A 273 -4.96 35.38 5.26
C LEU A 273 -4.42 36.81 5.35
N SER A 274 -3.76 37.11 6.48
CA SER A 274 -2.82 38.20 6.52
C SER A 274 -1.57 37.72 5.79
N LYS A 275 -0.99 38.57 4.94
CA LYS A 275 0.09 38.14 4.13
C LYS A 275 1.27 39.09 4.33
N ASN A 276 2.45 38.52 4.53
CA ASN A 276 3.66 39.31 4.41
C ASN A 276 3.83 39.64 2.92
N GLU A 277 4.89 40.39 2.60
CA GLU A 277 5.01 40.90 1.27
C GLU A 277 5.27 39.76 0.27
N GLU A 278 5.94 38.70 0.71
CA GLU A 278 6.19 37.54 -0.16
C GLU A 278 4.86 36.87 -0.55
N ILE A 279 3.96 36.64 0.42
CA ILE A 279 2.77 35.89 0.17
C ILE A 279 1.83 36.74 -0.70
N LYS A 280 1.76 38.06 -0.43
CA LYS A 280 0.90 38.90 -1.23
C LYS A 280 1.31 38.85 -2.72
N ARG A 281 2.61 38.94 -2.96
CA ARG A 281 3.23 38.89 -4.27
C ARG A 281 2.87 37.55 -4.93
N LEU A 282 3.04 36.47 -4.17
CA LEU A 282 2.81 35.14 -4.71
C LEU A 282 1.36 34.93 -5.06
N PHE A 283 0.43 35.51 -4.29
CA PHE A 283 -0.97 35.44 -4.64
C PHE A 283 -1.29 36.28 -5.89
N GLU A 284 -0.71 37.47 -6.00
CA GLU A 284 -0.89 38.31 -7.21
C GLU A 284 -0.45 37.50 -8.44
N ILE A 285 0.72 36.88 -8.33
CA ILE A 285 1.25 36.01 -9.40
C ILE A 285 0.25 34.91 -9.74
N ALA A 286 -0.24 34.17 -8.73
CA ALA A 286 -1.12 33.06 -8.96
C ALA A 286 -2.41 33.50 -9.67
N ASN A 287 -2.97 34.64 -9.24
CA ASN A 287 -4.20 35.15 -9.80
C ASN A 287 -4.02 35.50 -11.27
N ARG A 288 -2.89 36.14 -11.60
CA ARG A 288 -2.57 36.45 -13.00
C ARG A 288 -2.39 35.20 -13.84
N VAL A 289 -1.67 34.18 -13.31
CA VAL A 289 -1.52 32.95 -14.03
C VAL A 289 -2.89 32.30 -14.27
N GLU A 290 -3.74 32.35 -13.23
CA GLU A 290 -5.07 31.76 -13.35
C GLU A 290 -5.85 32.42 -14.50
N GLU A 291 -5.79 33.75 -14.56
CA GLU A 291 -6.53 34.56 -15.57
C GLU A 291 -6.11 34.17 -17.00
N ILE A 292 -4.81 34.06 -17.23
CA ILE A 292 -4.25 33.72 -18.56
C ILE A 292 -4.58 32.28 -18.93
N GLY A 293 -4.38 31.36 -17.95
CA GLY A 293 -4.68 29.97 -18.11
C GLY A 293 -6.14 29.71 -18.50
N ILE A 294 -7.05 30.37 -17.83
CA ILE A 294 -8.42 30.18 -18.11
C ILE A 294 -8.73 30.72 -19.53
N LYS A 295 -8.13 31.83 -19.95
CA LYS A 295 -8.41 32.31 -21.33
C LYS A 295 -7.88 31.34 -22.40
N ILE A 296 -6.72 30.76 -22.15
CA ILE A 296 -6.10 29.92 -23.14
C ILE A 296 -6.67 28.49 -23.10
N LEU A 297 -6.72 27.91 -21.89
CA LEU A 297 -6.93 26.50 -21.75
C LEU A 297 -8.40 26.18 -21.47
N GLY A 298 -9.18 27.19 -21.05
CA GLY A 298 -10.58 27.06 -20.69
C GLY A 298 -11.39 26.30 -21.73
N LYS A 299 -11.28 26.72 -23.00
CA LYS A 299 -12.06 26.14 -24.13
C LYS A 299 -11.74 24.65 -24.33
N ARG A 300 -10.51 24.23 -24.02
CA ARG A 300 -10.10 22.81 -24.07
C ARG A 300 -10.49 22.04 -22.81
N GLY A 301 -11.31 22.64 -21.94
CA GLY A 301 -11.78 22.02 -20.67
C GLY A 301 -10.67 21.88 -19.61
N ILE A 302 -9.62 22.71 -19.70
CA ILE A 302 -8.48 22.66 -18.77
C ILE A 302 -8.57 23.86 -17.81
N TYR A 303 -8.80 23.58 -16.51
CA TYR A 303 -9.13 24.63 -15.50
C TYR A 303 -8.30 24.43 -14.25
N PRO A 304 -8.22 25.41 -13.35
CA PRO A 304 -7.41 25.26 -12.14
C PRO A 304 -7.97 24.10 -11.32
N ASN A 305 -7.03 23.29 -10.83
CA ASN A 305 -7.25 22.17 -9.92
C ASN A 305 -7.03 22.67 -8.48
N VAL A 306 -7.40 21.83 -7.51
CA VAL A 306 -7.17 22.19 -6.09
C VAL A 306 -5.70 22.55 -5.84
N ASP A 307 -4.77 21.84 -6.47
CA ASP A 307 -3.37 22.09 -6.19
C ASP A 307 -2.81 23.34 -6.90
N PHE A 308 -3.64 24.14 -7.59
CA PHE A 308 -3.19 25.44 -8.01
C PHE A 308 -2.94 26.34 -6.81
N TYR A 309 -3.85 26.30 -5.83
CA TYR A 309 -3.82 27.23 -4.67
C TYR A 309 -3.36 26.50 -3.38
N SER A 310 -3.50 25.17 -3.28
CA SER A 310 -3.31 24.51 -1.96
C SER A 310 -1.89 24.69 -1.46
N GLY A 311 -0.89 24.45 -2.33
CA GLY A 311 0.48 24.58 -1.87
C GLY A 311 0.81 25.99 -1.36
N LEU A 312 0.34 27.02 -2.05
CA LEU A 312 0.54 28.40 -1.67
C LEU A 312 -0.11 28.72 -0.32
N VAL A 313 -1.33 28.20 -0.09
CA VAL A 313 -2.04 28.39 1.20
C VAL A 313 -1.26 27.72 2.34
N PHE A 314 -0.80 26.49 2.16
CA PHE A 314 -0.05 25.79 3.22
C PHE A 314 1.30 26.48 3.45
N TYR A 315 1.96 26.96 2.38
CA TYR A 315 3.18 27.72 2.51
C TYR A 315 2.94 29.01 3.32
N ALA A 316 1.83 29.68 3.06
CA ALA A 316 1.45 30.94 3.70
C ALA A 316 1.30 30.71 5.22
N MET A 317 0.92 29.51 5.61
CA MET A 317 0.73 29.26 7.00
C MET A 317 1.96 28.72 7.72
N GLY A 318 3.07 28.53 7.01
CA GLY A 318 4.36 28.24 7.59
C GLY A 318 4.87 26.86 7.37
N PHE A 319 4.26 26.05 6.47
CA PHE A 319 4.81 24.76 6.13
C PHE A 319 5.78 24.82 4.96
N ASP A 320 6.91 24.10 5.00
CA ASP A 320 7.82 23.92 3.88
C ASP A 320 7.02 23.26 2.77
N PRO A 321 7.21 23.71 1.51
CA PRO A 321 6.58 23.09 0.36
C PRO A 321 6.68 21.56 0.26
N ASP A 322 7.80 20.97 0.65
CA ASP A 322 7.85 19.58 0.35
C ASP A 322 7.10 18.77 1.44
N LEU A 323 6.60 19.42 2.48
CA LEU A 323 5.68 18.73 3.43
C LEU A 323 4.27 18.68 2.87
N PHE A 324 3.95 19.39 1.78
CA PHE A 324 2.54 19.50 1.37
C PHE A 324 1.89 18.12 1.13
N PRO A 325 2.55 17.12 0.51
CA PRO A 325 1.91 15.82 0.33
C PRO A 325 1.55 15.14 1.66
N THR A 326 2.34 15.43 2.70
CA THR A 326 2.03 14.82 4.02
C THR A 326 0.74 15.46 4.56
N ILE A 327 0.62 16.77 4.38
CA ILE A 327 -0.54 17.51 4.87
C ILE A 327 -1.80 17.00 4.16
N PHE A 328 -1.70 16.81 2.83
CA PHE A 328 -2.77 16.15 2.08
C PHE A 328 -3.17 14.84 2.77
N ALA A 329 -2.19 13.97 3.03
CA ALA A 329 -2.46 12.67 3.69
C ALA A 329 -3.16 12.87 5.03
N SER A 330 -2.78 13.93 5.77
CA SER A 330 -3.30 14.15 7.12
C SER A 330 -4.82 14.33 7.05
N ALA A 331 -5.34 14.90 5.97
CA ALA A 331 -6.79 15.06 5.79
C ALA A 331 -7.39 13.83 5.10
N ARG A 332 -6.67 13.31 4.11
CA ARG A 332 -7.28 12.27 3.20
C ARG A 332 -7.40 10.92 3.93
N VAL A 333 -6.65 10.72 5.02
CA VAL A 333 -6.76 9.54 5.82
C VAL A 333 -8.18 9.32 6.33
N ILE A 334 -8.91 10.40 6.51
CA ILE A 334 -10.34 10.28 6.94
C ILE A 334 -11.14 9.61 5.81
N GLY A 335 -11.02 10.12 4.59
CA GLY A 335 -11.69 9.51 3.45
C GLY A 335 -11.21 8.08 3.19
N TRP A 336 -9.90 7.87 3.22
CA TRP A 336 -9.40 6.55 3.01
C TRP A 336 -10.10 5.53 3.92
N THR A 337 -10.05 5.86 5.19
CA THR A 337 -10.57 4.96 6.21
C THR A 337 -12.11 4.83 6.17
N ALA A 338 -12.83 5.91 5.83
CA ALA A 338 -14.26 5.84 5.63
C ALA A 338 -14.57 4.91 4.46
N HIS A 339 -13.78 5.01 3.39
CA HIS A 339 -14.02 4.16 2.22
C HIS A 339 -13.80 2.69 2.54
N VAL A 340 -12.75 2.37 3.31
CA VAL A 340 -12.46 1.01 3.68
C VAL A 340 -13.62 0.49 4.54
N ASP A 341 -14.00 1.27 5.57
CA ASP A 341 -15.14 0.87 6.48
C ASP A 341 -16.40 0.53 5.67
N GLU A 342 -16.72 1.36 4.69
CA GLU A 342 -17.90 1.17 3.87
C GLU A 342 -17.79 -0.12 3.07
N TYR A 343 -16.65 -0.32 2.41
CA TYR A 343 -16.41 -1.50 1.53
C TYR A 343 -16.53 -2.80 2.31
N LEU A 344 -15.98 -2.82 3.53
CA LEU A 344 -15.90 -4.00 4.34
C LEU A 344 -17.26 -4.41 4.92
N LYS A 345 -18.30 -3.59 4.73
CA LYS A 345 -19.65 -3.99 5.10
C LYS A 345 -20.06 -5.20 4.23
N ASP A 346 -19.48 -5.33 3.05
CA ASP A 346 -19.75 -6.47 2.12
C ASP A 346 -18.49 -6.70 1.27
N ASN A 347 -17.44 -7.19 1.94
CA ASN A 347 -16.10 -7.27 1.31
C ASN A 347 -16.13 -8.20 0.10
N LYS A 348 -15.32 -7.87 -0.89
CA LYS A 348 -14.96 -8.77 -1.98
C LYS A 348 -13.49 -8.54 -2.34
N LEU A 349 -12.70 -9.63 -2.35
CA LEU A 349 -11.30 -9.59 -2.78
C LEU A 349 -11.20 -8.94 -4.14
N ILE A 350 -10.23 -8.06 -4.31
CA ILE A 350 -9.97 -7.45 -5.60
C ILE A 350 -8.85 -8.23 -6.26
N ARG A 351 -9.20 -8.93 -7.36
CA ARG A 351 -8.25 -9.91 -7.99
C ARG A 351 -8.51 -9.91 -9.49
N PRO A 352 -7.89 -8.97 -10.21
CA PRO A 352 -8.10 -8.85 -11.67
C PRO A 352 -7.25 -9.88 -12.44
N LYS A 353 -7.09 -9.68 -13.74
CA LYS A 353 -6.26 -10.57 -14.56
C LYS A 353 -5.43 -9.71 -15.50
N ALA A 354 -4.56 -10.37 -16.28
CA ALA A 354 -3.79 -9.79 -17.31
C ALA A 354 -4.15 -10.47 -18.63
N ILE A 355 -3.83 -9.78 -19.72
CA ILE A 355 -3.79 -10.44 -21.07
C ILE A 355 -2.34 -10.90 -21.33
N TYR A 356 -2.18 -12.18 -21.66
CA TYR A 356 -0.86 -12.72 -21.78
C TYR A 356 -0.39 -12.65 -23.24
N VAL A 357 0.82 -12.15 -23.43
CA VAL A 357 1.49 -12.12 -24.73
C VAL A 357 2.77 -12.97 -24.67
N GLY A 358 2.81 -14.07 -25.45
CA GLY A 358 4.05 -14.89 -25.51
C GLY A 358 3.78 -16.37 -25.65
N ASP A 359 4.85 -17.10 -25.98
CA ASP A 359 4.81 -18.55 -26.12
C ASP A 359 4.79 -19.19 -24.73
N LEU A 360 4.09 -20.31 -24.68
CA LEU A 360 4.00 -21.20 -23.56
C LEU A 360 4.69 -22.51 -23.93
N GLY A 361 5.05 -23.30 -22.92
CA GLY A 361 5.60 -24.63 -23.11
C GLY A 361 6.97 -24.58 -23.76
N LYS A 362 7.78 -23.59 -23.40
CA LYS A 362 9.13 -23.57 -23.88
C LYS A 362 9.93 -24.69 -23.21
N ARG A 363 10.84 -25.30 -23.96
CA ARG A 363 11.69 -26.35 -23.39
C ARG A 363 12.69 -25.70 -22.45
N TYR A 364 12.88 -26.26 -21.25
CA TYR A 364 13.92 -25.83 -20.35
C TYR A 364 15.31 -26.14 -20.96
N VAL A 365 16.06 -25.08 -21.26
CA VAL A 365 17.38 -25.22 -21.91
C VAL A 365 18.40 -25.29 -20.79
N PRO A 366 19.16 -26.40 -20.65
CA PRO A 366 20.13 -26.48 -19.57
C PRO A 366 21.21 -25.41 -19.76
N ILE A 367 21.82 -24.99 -18.66
CA ILE A 367 22.65 -23.81 -18.65
C ILE A 367 23.85 -23.93 -19.62
N GLU A 368 24.48 -25.11 -19.73
CA GLU A 368 25.66 -25.26 -20.59
C GLU A 368 25.28 -25.13 -22.10
N GLU A 369 24.01 -25.24 -22.49
CA GLU A 369 23.60 -25.03 -23.88
C GLU A 369 23.19 -23.58 -24.20
N ARG A 370 23.20 -22.66 -23.26
CA ARG A 370 22.66 -21.29 -23.51
C ARG A 370 23.65 -20.40 -24.30
N MET B 1 -24.61 2.24 -15.17
CA MET B 1 -23.24 1.66 -15.30
C MET B 1 -23.09 0.46 -14.32
N GLU B 2 -22.31 -0.50 -14.79
CA GLU B 2 -22.17 -1.82 -14.14
C GLU B 2 -21.18 -1.68 -13.00
N LEU B 3 -21.52 -2.31 -11.87
CA LEU B 3 -20.59 -2.43 -10.75
C LEU B 3 -19.67 -3.64 -11.06
N ARG B 4 -18.34 -3.43 -11.18
CA ARG B 4 -17.32 -4.49 -11.42
C ARG B 4 -16.51 -4.78 -10.15
N LYS B 5 -17.24 -4.91 -9.06
CA LYS B 5 -16.68 -5.10 -7.75
C LYS B 5 -15.85 -6.39 -7.75
N GLY B 6 -14.62 -6.30 -7.23
CA GLY B 6 -13.69 -7.44 -7.20
C GLY B 6 -12.84 -7.57 -8.47
N LEU B 7 -13.23 -6.89 -9.55
CA LEU B 7 -12.55 -6.86 -10.85
C LEU B 7 -12.41 -8.27 -11.43
N GLU B 8 -13.35 -9.16 -11.13
CA GLU B 8 -13.38 -10.48 -11.72
C GLU B 8 -13.32 -10.36 -13.25
N ASP B 9 -12.33 -10.98 -13.88
CA ASP B 9 -12.24 -11.02 -15.36
C ASP B 9 -12.10 -9.62 -16.00
N ILE B 10 -11.54 -8.67 -15.26
CA ILE B 10 -11.10 -7.44 -15.86
C ILE B 10 -9.58 -7.54 -16.05
N ALA B 11 -9.08 -7.30 -17.26
CA ALA B 11 -7.66 -7.33 -17.52
C ALA B 11 -7.13 -5.93 -17.29
N ILE B 12 -6.07 -5.79 -16.47
CA ILE B 12 -5.55 -4.46 -16.17
C ILE B 12 -4.20 -4.20 -16.86
N LYS B 13 -3.55 -5.22 -17.47
CA LYS B 13 -2.30 -5.01 -18.15
C LYS B 13 -2.07 -6.14 -19.14
N GLU B 14 -1.19 -5.88 -20.10
CA GLU B 14 -0.65 -6.92 -20.96
C GLU B 14 0.61 -7.43 -20.25
N THR B 15 0.85 -8.73 -20.28
CA THR B 15 2.02 -9.26 -19.55
C THR B 15 2.68 -10.40 -20.33
N SER B 16 4.00 -10.53 -20.14
CA SER B 16 4.75 -11.65 -20.64
C SER B 16 5.40 -12.44 -19.49
N ILE B 17 5.01 -12.17 -18.24
CA ILE B 17 5.70 -12.75 -17.09
C ILE B 17 5.09 -14.11 -16.76
N THR B 18 3.83 -14.15 -16.37
CA THR B 18 3.22 -15.36 -15.85
C THR B 18 1.89 -15.61 -16.57
N TYR B 19 1.74 -16.86 -16.99
CA TYR B 19 0.52 -17.38 -17.55
C TYR B 19 -0.04 -18.46 -16.61
N ILE B 20 -1.32 -18.33 -16.22
CA ILE B 20 -2.00 -19.28 -15.42
C ILE B 20 -3.08 -19.92 -16.30
N ASP B 21 -3.10 -21.25 -16.35
CA ASP B 21 -4.21 -21.99 -16.97
C ASP B 21 -5.10 -22.53 -15.85
N GLY B 22 -6.19 -21.79 -15.55
CA GLY B 22 -7.05 -22.07 -14.45
C GLY B 22 -7.86 -23.34 -14.60
N GLU B 23 -8.18 -23.68 -15.85
CA GLU B 23 -8.98 -24.85 -16.14
C GLU B 23 -8.11 -26.11 -16.07
N LEU B 24 -6.86 -26.06 -16.55
CA LEU B 24 -6.03 -27.30 -16.62
C LEU B 24 -4.98 -27.34 -15.50
N GLY B 25 -4.84 -26.27 -14.72
CA GLY B 25 -3.89 -26.26 -13.59
C GLY B 25 -2.46 -26.25 -14.03
N ARG B 26 -2.14 -25.32 -14.93
CA ARG B 26 -0.80 -25.12 -15.45
C ARG B 26 -0.35 -23.70 -15.14
N LEU B 27 0.96 -23.54 -15.05
CA LEU B 27 1.53 -22.31 -14.58
C LEU B 27 2.85 -22.18 -15.30
N TYR B 28 3.10 -21.00 -15.90
CA TYR B 28 4.35 -20.75 -16.64
C TYR B 28 4.96 -19.42 -16.19
N TYR B 29 6.29 -19.41 -16.10
CA TYR B 29 7.09 -18.20 -15.90
C TYR B 29 7.88 -17.97 -17.19
N ARG B 30 7.58 -16.88 -17.89
CA ARG B 30 8.22 -16.51 -19.15
C ARG B 30 8.22 -17.73 -20.10
N GLY B 31 7.09 -18.44 -20.08
CA GLY B 31 6.81 -19.58 -20.99
C GLY B 31 7.42 -20.92 -20.55
N TYR B 32 8.17 -20.97 -19.44
CA TYR B 32 8.70 -22.22 -18.89
C TYR B 32 7.73 -22.78 -17.86
N SER B 33 7.42 -24.07 -17.97
CA SER B 33 6.53 -24.72 -17.06
C SER B 33 7.07 -24.67 -15.62
N ILE B 34 6.19 -24.39 -14.65
CA ILE B 34 6.58 -24.39 -13.22
C ILE B 34 7.14 -25.77 -12.82
N PHE B 35 6.65 -26.83 -13.47
CA PHE B 35 7.11 -28.19 -13.15
C PHE B 35 8.57 -28.39 -13.55
N ASP B 36 8.94 -27.85 -14.70
CA ASP B 36 10.34 -27.96 -15.16
C ASP B 36 11.22 -27.09 -14.28
N LEU B 37 10.74 -25.90 -13.89
CA LEU B 37 11.58 -25.04 -13.08
C LEU B 37 11.77 -25.69 -11.71
N ALA B 38 10.71 -26.26 -11.11
CA ALA B 38 10.86 -26.97 -9.85
C ALA B 38 11.87 -28.11 -10.02
N SER B 39 11.79 -28.83 -11.15
CA SER B 39 12.64 -29.99 -11.34
C SER B 39 14.12 -29.56 -11.44
N PHE B 40 14.41 -28.53 -12.23
CA PHE B 40 15.75 -28.34 -12.69
C PHE B 40 16.35 -26.97 -12.42
N SER B 41 15.52 -25.95 -12.09
CA SER B 41 16.05 -24.62 -11.87
C SER B 41 16.40 -24.42 -10.39
N ASN B 42 16.60 -23.15 -10.02
CA ASN B 42 16.96 -22.76 -8.67
C ASN B 42 16.52 -21.32 -8.47
N PHE B 43 16.49 -20.92 -7.20
CA PHE B 43 15.96 -19.61 -6.81
C PHE B 43 16.62 -18.50 -7.64
N GLU B 44 17.96 -18.49 -7.69
CA GLU B 44 18.69 -17.41 -8.36
C GLU B 44 18.40 -17.43 -9.87
N GLU B 45 18.31 -18.62 -10.47
CA GLU B 45 18.10 -18.66 -11.93
C GLU B 45 16.69 -18.12 -12.26
N VAL B 46 15.67 -18.50 -11.48
CA VAL B 46 14.32 -18.03 -11.74
C VAL B 46 14.18 -16.52 -11.47
N ALA B 47 14.84 -15.99 -10.45
CA ALA B 47 14.83 -14.61 -10.19
C ALA B 47 15.40 -13.88 -11.43
N TYR B 48 16.53 -14.38 -11.93
CA TYR B 48 17.15 -13.82 -13.14
C TYR B 48 16.16 -13.81 -14.30
N LEU B 49 15.52 -14.95 -14.52
CA LEU B 49 14.56 -15.09 -15.62
C LEU B 49 13.44 -14.04 -15.47
N LEU B 50 12.91 -13.91 -14.26
CA LEU B 50 11.79 -13.00 -14.05
C LEU B 50 12.22 -11.55 -14.25
N TRP B 51 13.39 -11.13 -13.73
CA TRP B 51 13.79 -9.80 -13.85
C TRP B 51 14.33 -9.45 -15.24
N TYR B 52 15.08 -10.37 -15.86
CA TYR B 52 15.83 -9.98 -17.06
C TYR B 52 15.23 -10.54 -18.34
N GLY B 53 14.33 -11.51 -18.23
CA GLY B 53 13.47 -11.96 -19.31
C GLY B 53 14.06 -13.10 -20.12
N LYS B 54 15.10 -13.73 -19.60
CA LYS B 54 15.73 -14.85 -20.30
C LYS B 54 16.49 -15.68 -19.25
N LEU B 55 16.74 -16.95 -19.58
CA LEU B 55 17.57 -17.80 -18.74
C LEU B 55 19.01 -17.32 -18.84
N PRO B 56 19.74 -17.22 -17.70
CA PRO B 56 21.11 -16.74 -17.73
C PRO B 56 22.12 -17.74 -18.30
N THR B 57 23.23 -17.22 -18.84
CA THR B 57 24.38 -18.08 -19.07
C THR B 57 25.03 -18.42 -17.73
N ARG B 58 25.99 -19.35 -17.76
CA ARG B 58 26.76 -19.73 -16.62
C ARG B 58 27.44 -18.49 -16.00
N HIS B 59 28.07 -17.66 -16.84
CA HIS B 59 28.75 -16.48 -16.39
C HIS B 59 27.75 -15.49 -15.76
N GLU B 60 26.65 -15.26 -16.46
CA GLU B 60 25.63 -14.32 -15.98
C GLU B 60 25.07 -14.80 -14.64
N LEU B 61 24.82 -16.09 -14.48
CA LEU B 61 24.23 -16.62 -13.20
C LEU B 61 25.25 -16.54 -12.08
N ASP B 62 26.52 -16.91 -12.38
CA ASP B 62 27.56 -16.79 -11.36
C ASP B 62 27.66 -15.35 -10.84
N ASP B 63 27.69 -14.36 -11.76
CA ASP B 63 27.83 -12.93 -11.38
C ASP B 63 26.62 -12.51 -10.52
N PHE B 64 25.45 -12.98 -10.91
CA PHE B 64 24.16 -12.59 -10.28
C PHE B 64 24.05 -13.21 -8.89
N LYS B 65 24.45 -14.48 -8.78
CA LYS B 65 24.49 -15.16 -7.46
C LYS B 65 25.36 -14.38 -6.47
N SER B 66 26.54 -13.93 -6.93
CA SER B 66 27.49 -13.13 -6.12
C SER B 66 26.88 -11.77 -5.74
N ARG B 67 26.19 -11.16 -6.70
CA ARG B 67 25.63 -9.87 -6.47
C ARG B 67 24.57 -9.95 -5.35
N LEU B 68 23.72 -10.96 -5.40
CA LEU B 68 22.73 -11.19 -4.33
C LEU B 68 23.46 -11.47 -3.03
N ALA B 69 24.43 -12.40 -3.06
CA ALA B 69 25.05 -12.85 -1.83
C ALA B 69 25.69 -11.66 -1.10
N GLU B 70 26.23 -10.72 -1.87
CA GLU B 70 26.97 -9.57 -1.33
C GLU B 70 26.06 -8.52 -0.70
N GLU B 71 24.74 -8.61 -0.94
CA GLU B 71 23.79 -7.58 -0.50
C GLU B 71 22.87 -8.05 0.62
N ARG B 72 23.22 -9.14 1.30
CA ARG B 72 22.32 -9.75 2.31
C ARG B 72 22.31 -9.00 3.66
N SER B 73 23.38 -8.25 3.96
CA SER B 73 23.54 -7.58 5.25
C SER B 73 22.48 -6.49 5.38
N ILE B 74 22.13 -6.18 6.62
CA ILE B 74 21.21 -5.08 6.88
C ILE B 74 21.95 -4.07 7.77
N SER B 75 21.53 -2.81 7.69
CA SER B 75 22.17 -1.71 8.47
C SER B 75 21.88 -1.95 9.97
N GLU B 76 22.74 -1.39 10.82
CA GLU B 76 22.57 -1.54 12.23
C GLU B 76 21.25 -0.94 12.71
N ASP B 77 20.84 0.18 12.12
CA ASP B 77 19.58 0.81 12.52
C ASP B 77 18.40 -0.15 12.28
N ILE B 78 18.45 -0.92 11.18
CA ILE B 78 17.37 -1.81 10.85
C ILE B 78 17.41 -3.03 11.78
N SER B 79 18.61 -3.60 12.03
CA SER B 79 18.69 -4.75 12.91
C SER B 79 18.28 -4.37 14.32
N THR B 80 18.68 -3.18 14.79
CA THR B 80 18.26 -2.75 16.11
C THR B 80 16.72 -2.71 16.25
N PHE B 81 16.06 -2.19 15.20
CA PHE B 81 14.61 -2.04 15.16
C PHE B 81 13.95 -3.43 15.19
N VAL B 82 14.49 -4.35 14.41
CA VAL B 82 13.92 -5.73 14.40
C VAL B 82 14.08 -6.37 15.79
N LYS B 83 15.25 -6.22 16.39
CA LYS B 83 15.50 -6.88 17.69
C LYS B 83 14.55 -6.31 18.76
N ARG B 84 14.30 -5.01 18.67
CA ARG B 84 13.45 -4.30 19.63
C ARG B 84 11.99 -4.75 19.51
N THR B 85 11.53 -5.16 18.31
CA THR B 85 10.10 -5.37 18.04
C THR B 85 9.73 -6.85 17.85
N ALA B 86 10.70 -7.77 17.69
CA ALA B 86 10.45 -9.09 17.25
C ALA B 86 9.63 -9.92 18.25
N LYS B 87 9.81 -9.71 19.55
CA LYS B 87 9.11 -10.57 20.53
C LYS B 87 7.59 -10.32 20.56
N PHE B 88 7.16 -9.06 20.43
CA PHE B 88 5.76 -8.70 20.57
C PHE B 88 5.10 -8.37 19.21
N GLY B 89 5.88 -8.05 18.17
CA GLY B 89 5.29 -7.45 16.98
C GLY B 89 4.85 -8.50 15.96
N ASN B 90 3.81 -8.17 15.20
CA ASN B 90 3.38 -9.01 14.05
C ASN B 90 4.52 -9.07 13.02
N PRO B 91 5.01 -10.25 12.60
CA PRO B 91 6.12 -10.30 11.65
C PRO B 91 5.90 -9.56 10.32
N MET B 92 4.70 -9.63 9.76
CA MET B 92 4.50 -8.88 8.51
C MET B 92 4.56 -7.36 8.79
N ASP B 93 4.07 -6.88 9.95
CA ASP B 93 4.23 -5.45 10.23
C ASP B 93 5.69 -5.05 10.42
N ILE B 94 6.49 -5.92 11.04
CA ILE B 94 7.93 -5.69 11.13
C ILE B 94 8.51 -5.59 9.71
N LEU B 95 8.19 -6.56 8.85
CA LEU B 95 8.79 -6.59 7.51
C LEU B 95 8.38 -5.36 6.70
N ARG B 96 7.11 -5.00 6.80
CA ARG B 96 6.51 -3.79 6.14
C ARG B 96 7.33 -2.57 6.55
N THR B 97 7.59 -2.47 7.85
CA THR B 97 8.30 -1.32 8.38
C THR B 97 9.77 -1.32 7.91
N THR B 98 10.48 -2.49 7.91
CA THR B 98 11.86 -2.51 7.55
C THR B 98 12.08 -2.17 6.06
N VAL B 99 11.22 -2.66 5.19
CA VAL B 99 11.29 -2.36 3.78
C VAL B 99 11.02 -0.85 3.58
N SER B 100 10.06 -0.31 4.34
CA SER B 100 9.84 1.12 4.38
C SER B 100 11.09 1.91 4.81
N MET B 101 11.85 1.39 5.78
CA MET B 101 13.08 2.03 6.24
C MET B 101 14.17 1.93 5.15
N MET B 102 14.25 0.79 4.47
CA MET B 102 15.26 0.60 3.42
C MET B 102 15.05 1.64 2.32
N GLY B 103 13.77 1.85 2.00
CA GLY B 103 13.43 2.79 0.96
C GLY B 103 13.77 4.21 1.35
N LEU B 104 13.43 4.56 2.61
CA LEU B 104 13.73 5.89 3.12
C LEU B 104 15.25 6.20 2.97
N GLU B 105 16.09 5.22 3.26
CA GLU B 105 17.56 5.40 3.26
C GLU B 105 18.18 5.33 1.87
N ASP B 106 17.45 4.82 0.87
CA ASP B 106 17.95 4.74 -0.51
C ASP B 106 17.25 5.78 -1.39
N ARG B 107 17.78 7.00 -1.43
CA ARG B 107 17.14 8.06 -2.20
C ARG B 107 17.68 8.07 -3.64
N SER B 108 18.73 7.25 -3.92
CA SER B 108 19.26 7.04 -5.30
C SER B 108 18.11 6.85 -6.30
N GLU B 109 18.38 7.23 -7.56
CA GLU B 109 17.35 7.41 -8.58
C GLU B 109 17.37 6.17 -9.49
N GLY B 110 16.20 5.78 -10.01
CA GLY B 110 16.06 4.70 -10.98
C GLY B 110 16.55 3.37 -10.40
N ASP B 111 17.20 2.55 -11.24
CA ASP B 111 17.76 1.26 -10.90
C ASP B 111 16.72 0.39 -10.18
N LEU B 112 15.54 0.25 -10.79
CA LEU B 112 14.47 -0.58 -10.20
C LEU B 112 14.98 -1.99 -9.87
N ILE B 113 15.62 -2.66 -10.84
CA ILE B 113 16.05 -4.02 -10.63
C ILE B 113 17.14 -4.07 -9.56
N GLY B 114 18.07 -3.10 -9.51
CA GLY B 114 19.09 -3.05 -8.46
C GLY B 114 18.46 -3.03 -7.06
N LYS B 115 17.41 -2.20 -6.91
CA LYS B 115 16.69 -2.07 -5.62
C LYS B 115 15.95 -3.37 -5.28
N ALA B 116 15.36 -4.02 -6.30
CA ALA B 116 14.65 -5.28 -6.14
C ALA B 116 15.59 -6.37 -5.62
N ILE B 117 16.82 -6.38 -6.17
CA ILE B 117 17.86 -7.32 -5.78
C ILE B 117 18.25 -7.12 -4.31
N LYS B 118 18.37 -5.85 -3.90
CA LYS B 118 18.64 -5.56 -2.55
C LYS B 118 17.55 -6.05 -1.62
N MET B 119 16.29 -5.76 -1.92
CA MET B 119 15.19 -6.20 -1.08
C MET B 119 15.19 -7.72 -1.01
N THR B 120 15.37 -8.38 -2.15
CA THR B 120 15.28 -9.85 -2.19
C THR B 120 16.40 -10.46 -1.35
N ALA B 121 17.61 -9.88 -1.40
CA ALA B 121 18.74 -10.42 -0.61
C ALA B 121 18.53 -10.20 0.89
N LYS B 122 17.91 -9.08 1.28
CA LYS B 122 17.91 -8.66 2.72
C LYS B 122 16.71 -9.22 3.48
N ILE B 123 15.61 -9.48 2.79
CA ILE B 123 14.38 -9.92 3.49
C ILE B 123 14.64 -11.18 4.31
N PRO B 124 15.28 -12.26 3.77
CA PRO B 124 15.58 -13.42 4.60
C PRO B 124 16.40 -13.10 5.86
N THR B 125 17.32 -12.15 5.76
CA THR B 125 18.09 -11.76 6.93
C THR B 125 17.19 -11.20 8.03
N ILE B 126 16.25 -10.33 7.63
CA ILE B 126 15.26 -9.78 8.53
C ILE B 126 14.39 -10.87 9.14
N ILE B 127 13.86 -11.77 8.31
CA ILE B 127 13.01 -12.85 8.82
C ILE B 127 13.78 -13.71 9.84
N SER B 128 15.05 -14.01 9.55
CA SER B 128 15.85 -14.85 10.36
C SER B 128 16.13 -14.14 11.71
N LEU B 129 16.41 -12.84 11.64
CA LEU B 129 16.61 -12.04 12.89
C LEU B 129 15.34 -12.00 13.75
N ILE B 130 14.15 -11.91 13.13
CA ILE B 130 12.91 -12.03 13.90
C ILE B 130 12.86 -13.37 14.64
N GLN B 131 13.03 -14.49 13.90
CA GLN B 131 12.86 -15.82 14.49
C GLN B 131 13.90 -16.05 15.61
N ARG B 132 15.17 -15.72 15.34
CA ARG B 132 16.24 -15.93 16.31
C ARG B 132 15.95 -15.11 17.55
N THR B 133 15.55 -13.86 17.33
CA THR B 133 15.26 -12.96 18.50
C THR B 133 14.15 -13.55 19.38
N ARG B 134 13.05 -14.05 18.77
CA ARG B 134 11.90 -14.58 19.47
C ARG B 134 12.27 -15.81 20.30
N ARG B 135 13.22 -16.61 19.81
CA ARG B 135 13.63 -17.82 20.46
C ARG B 135 14.79 -17.56 21.44
N ASN B 136 15.15 -16.27 21.67
CA ASN B 136 16.29 -15.90 22.50
C ASN B 136 17.56 -16.58 22.04
N GLN B 137 17.80 -16.56 20.71
CA GLN B 137 18.99 -17.11 20.11
C GLN B 137 19.79 -15.96 19.52
N GLU B 138 21.10 -16.14 19.46
CA GLU B 138 21.99 -15.20 18.86
C GLU B 138 21.76 -15.20 17.35
N PHE B 139 21.78 -14.01 16.79
CA PHE B 139 21.71 -13.80 15.35
C PHE B 139 22.86 -14.52 14.66
N VAL B 140 22.53 -15.21 13.56
CA VAL B 140 23.48 -15.86 12.68
C VAL B 140 23.56 -15.03 11.40
N GLU B 141 24.72 -14.43 11.14
CA GLU B 141 24.85 -13.54 10.01
C GLU B 141 24.84 -14.34 8.71
N PRO B 142 24.42 -13.73 7.60
CA PRO B 142 24.49 -14.40 6.30
C PRO B 142 25.91 -14.80 5.91
N ASP B 143 26.01 -15.94 5.23
CA ASP B 143 27.27 -16.50 4.77
C ASP B 143 27.33 -16.30 3.27
N PRO B 144 28.16 -15.39 2.73
CA PRO B 144 28.12 -15.10 1.29
C PRO B 144 28.63 -16.23 0.38
N SER B 145 29.23 -17.27 0.97
CA SER B 145 29.63 -18.43 0.24
C SER B 145 28.45 -19.39 0.00
N LEU B 146 27.30 -19.17 0.64
CA LEU B 146 26.17 -20.09 0.52
C LEU B 146 25.17 -19.48 -0.48
N SER B 147 24.45 -20.33 -1.19
CA SER B 147 23.42 -19.85 -2.06
C SER B 147 22.17 -19.45 -1.24
N HIS B 148 21.19 -18.86 -1.92
CA HIS B 148 20.07 -18.17 -1.28
C HIS B 148 19.35 -19.07 -0.28
N SER B 149 18.88 -20.23 -0.71
CA SER B 149 18.06 -21.09 0.14
C SER B 149 18.90 -21.79 1.22
N GLU B 150 20.11 -22.24 0.88
CA GLU B 150 20.97 -22.84 1.89
C GLU B 150 21.25 -21.81 3.01
N ASN B 151 21.57 -20.58 2.60
CA ASN B 151 21.87 -19.50 3.52
C ASN B 151 20.66 -19.20 4.42
N PHE B 152 19.47 -19.20 3.83
CA PHE B 152 18.23 -18.91 4.61
C PHE B 152 18.08 -19.92 5.76
N LEU B 153 18.18 -21.22 5.46
CA LEU B 153 18.08 -22.27 6.49
C LEU B 153 19.25 -22.17 7.49
N TYR B 154 20.44 -21.79 6.99
CA TYR B 154 21.61 -21.65 7.89
C TYR B 154 21.34 -20.54 8.92
N MET B 155 20.77 -19.43 8.45
CA MET B 155 20.50 -18.26 9.35
C MET B 155 19.41 -18.59 10.37
N ILE B 156 18.42 -19.39 10.00
CA ILE B 156 17.30 -19.77 10.91
C ILE B 156 17.80 -20.77 11.94
N ARG B 157 18.48 -21.83 11.48
CA ARG B 157 18.80 -22.99 12.29
C ARG B 157 20.11 -22.79 13.06
N GLY B 158 21.01 -21.97 12.52
CA GLY B 158 22.38 -21.84 13.04
C GLY B 158 23.22 -23.06 12.75
N GLU B 159 22.91 -23.74 11.65
CA GLU B 159 23.61 -24.94 11.24
C GLU B 159 23.40 -25.10 9.74
N ARG B 160 24.43 -25.51 9.00
CA ARG B 160 24.24 -25.69 7.53
C ARG B 160 23.26 -26.82 7.30
N PRO B 161 22.26 -26.62 6.40
CA PRO B 161 21.24 -27.64 6.15
C PRO B 161 21.72 -28.78 5.24
N SER B 162 20.99 -29.89 5.24
CA SER B 162 21.17 -30.95 4.23
C SER B 162 20.88 -30.41 2.84
N PRO B 163 21.48 -30.99 1.78
CA PRO B 163 21.13 -30.62 0.41
C PRO B 163 19.65 -30.88 0.10
N SER B 164 19.06 -31.93 0.69
CA SER B 164 17.62 -32.23 0.47
C SER B 164 16.75 -31.10 1.07
N ASP B 165 17.05 -30.68 2.31
CA ASP B 165 16.28 -29.60 2.94
C ASP B 165 16.41 -28.33 2.07
N THR B 166 17.64 -28.01 1.67
CA THR B 166 17.86 -26.87 0.84
C THR B 166 16.96 -26.96 -0.40
N ARG B 167 16.90 -28.15 -1.03
CA ARG B 167 16.16 -28.23 -2.29
C ARG B 167 14.66 -28.00 -2.03
N VAL B 168 14.12 -28.56 -0.95
CA VAL B 168 12.71 -28.37 -0.63
C VAL B 168 12.42 -26.87 -0.43
N LEU B 169 13.28 -26.15 0.32
CA LEU B 169 13.02 -24.70 0.51
C LEU B 169 13.14 -23.99 -0.84
N ASP B 170 14.17 -24.32 -1.60
CA ASP B 170 14.42 -23.63 -2.88
C ASP B 170 13.25 -23.77 -3.83
N VAL B 171 12.70 -25.00 -3.91
CA VAL B 171 11.55 -25.24 -4.72
C VAL B 171 10.35 -24.46 -4.15
N SER B 172 10.09 -24.59 -2.84
CA SER B 172 8.98 -23.89 -2.20
C SER B 172 9.01 -22.38 -2.52
N LEU B 173 10.20 -21.76 -2.49
CA LEU B 173 10.33 -20.35 -2.80
C LEU B 173 10.07 -20.07 -4.28
N MET B 174 10.67 -20.85 -5.19
CA MET B 174 10.36 -20.70 -6.63
C MET B 174 8.84 -20.70 -6.86
N LEU B 175 8.10 -21.59 -6.21
CA LEU B 175 6.69 -21.72 -6.44
C LEU B 175 5.92 -20.46 -6.05
N HIS B 176 6.48 -19.61 -5.17
CA HIS B 176 5.79 -18.42 -4.68
C HIS B 176 6.22 -17.15 -5.41
N MET B 177 7.13 -17.20 -6.38
CA MET B 177 7.76 -16.00 -6.87
C MET B 177 6.78 -15.11 -7.64
N ASP B 178 5.87 -15.70 -8.42
CA ASP B 178 4.90 -14.83 -9.20
C ASP B 178 3.60 -15.57 -9.44
N HIS B 179 2.49 -14.82 -9.46
CA HIS B 179 1.27 -15.41 -9.83
C HIS B 179 0.34 -14.38 -10.48
N GLU B 180 0.87 -13.67 -11.45
CA GLU B 180 0.07 -12.77 -12.30
C GLU B 180 -0.62 -11.74 -11.40
N MET B 181 -1.89 -11.35 -11.66
CA MET B 181 -2.44 -10.16 -11.02
C MET B 181 -3.25 -10.48 -9.76
N ASN B 182 -2.62 -11.15 -8.82
CA ASN B 182 -3.25 -11.33 -7.52
C ASN B 182 -3.32 -9.98 -6.78
N ALA B 183 -4.01 -9.95 -5.65
CA ALA B 183 -4.32 -8.72 -4.92
C ALA B 183 -3.03 -8.00 -4.49
N SER B 184 -1.99 -8.73 -4.05
CA SER B 184 -0.81 -8.03 -3.62
C SER B 184 -0.07 -7.41 -4.83
N THR B 185 0.03 -8.15 -5.93
CA THR B 185 0.63 -7.59 -7.14
C THR B 185 -0.19 -6.36 -7.58
N MET B 186 -1.50 -6.43 -7.47
CA MET B 186 -2.36 -5.27 -7.87
C MET B 186 -2.06 -4.05 -6.97
N ALA B 187 -1.92 -4.27 -5.66
CA ALA B 187 -1.54 -3.18 -4.75
C ALA B 187 -0.24 -2.53 -5.23
N CYS B 188 0.78 -3.33 -5.50
CA CYS B 188 2.10 -2.86 -5.98
C CYS B 188 1.89 -2.01 -7.24
N LEU B 189 1.09 -2.48 -8.16
CA LEU B 189 0.89 -1.81 -9.46
C LEU B 189 0.12 -0.50 -9.29
N VAL B 190 -0.90 -0.47 -8.42
CA VAL B 190 -1.65 0.79 -8.20
C VAL B 190 -0.65 1.86 -7.73
N VAL B 191 0.14 1.50 -6.73
CA VAL B 191 1.17 2.42 -6.23
C VAL B 191 2.18 2.79 -7.32
N ALA B 192 2.68 1.82 -8.09
CA ALA B 192 3.66 2.13 -9.13
C ALA B 192 3.08 3.08 -10.19
N SER B 193 1.79 2.98 -10.44
CA SER B 193 1.09 3.67 -11.53
C SER B 193 1.07 5.19 -11.28
N THR B 194 1.29 5.60 -10.04
CA THR B 194 1.39 7.02 -9.66
C THR B 194 2.81 7.57 -9.84
N LEU B 195 3.75 6.71 -10.23
CA LEU B 195 5.17 6.93 -10.35
C LEU B 195 5.79 7.08 -8.94
N SER B 196 5.16 6.44 -7.94
CA SER B 196 5.82 6.28 -6.64
C SER B 196 7.02 5.34 -6.81
N ASP B 197 7.89 5.31 -5.83
CA ASP B 197 9.15 4.50 -5.90
C ASP B 197 8.88 3.01 -5.65
N ILE B 198 9.88 2.20 -5.98
CA ILE B 198 9.69 0.75 -5.99
C ILE B 198 9.55 0.22 -4.56
N TYR B 199 10.20 0.88 -3.59
CA TYR B 199 10.02 0.44 -2.20
C TYR B 199 8.58 0.67 -1.70
N SER B 200 7.98 1.82 -2.03
CA SER B 200 6.57 2.11 -1.80
C SER B 200 5.68 1.00 -2.37
N SER B 201 5.95 0.60 -3.61
CA SER B 201 5.22 -0.51 -4.24
C SER B 201 5.28 -1.78 -3.37
N VAL B 202 6.49 -2.20 -3.02
CA VAL B 202 6.69 -3.41 -2.27
C VAL B 202 6.07 -3.31 -0.88
N VAL B 203 6.16 -2.14 -0.22
CA VAL B 203 5.50 -1.93 1.07
C VAL B 203 3.99 -2.17 0.93
N ALA B 204 3.37 -1.72 -0.18
CA ALA B 204 1.93 -1.96 -0.40
C ALA B 204 1.65 -3.45 -0.69
N GLY B 205 2.55 -4.10 -1.41
CA GLY B 205 2.45 -5.55 -1.63
C GLY B 205 2.45 -6.32 -0.34
N ILE B 206 3.40 -5.99 0.55
CA ILE B 206 3.46 -6.64 1.90
C ILE B 206 2.15 -6.39 2.64
N SER B 207 1.66 -5.14 2.60
CA SER B 207 0.43 -4.75 3.29
C SER B 207 -0.75 -5.61 2.88
N ALA B 208 -0.86 -5.86 1.57
CA ALA B 208 -1.93 -6.72 1.03
C ALA B 208 -1.73 -8.21 1.34
N LEU B 209 -0.51 -8.68 1.17
CA LEU B 209 -0.21 -10.09 1.27
C LEU B 209 -0.49 -10.62 2.69
N LYS B 210 -0.37 -9.74 3.68
CA LYS B 210 -0.63 -10.04 5.07
C LYS B 210 -2.03 -10.60 5.29
N GLY B 211 -3.03 -10.13 4.50
CA GLY B 211 -4.37 -10.42 4.87
C GLY B 211 -4.70 -11.89 4.71
N PRO B 212 -5.57 -12.43 5.58
CA PRO B 212 -5.86 -13.86 5.57
C PRO B 212 -6.65 -14.35 4.36
N LEU B 213 -7.29 -13.46 3.58
CA LEU B 213 -7.84 -13.84 2.25
C LEU B 213 -6.77 -13.79 1.15
N HIS B 214 -5.51 -13.64 1.55
CA HIS B 214 -4.35 -13.67 0.60
C HIS B 214 -3.25 -14.53 1.24
N GLY B 215 -2.05 -13.97 1.42
CA GLY B 215 -0.90 -14.69 1.85
C GLY B 215 -1.01 -15.13 3.29
N GLY B 216 -1.73 -14.36 4.12
CA GLY B 216 -2.04 -14.80 5.50
C GLY B 216 -2.74 -16.15 5.61
N ALA B 217 -3.27 -16.73 4.50
CA ALA B 217 -4.03 -17.95 4.59
C ALA B 217 -3.13 -19.11 4.97
N ASN B 218 -1.83 -18.99 4.65
CA ASN B 218 -0.93 -20.17 4.83
C ASN B 218 -0.81 -20.50 6.34
N SER B 219 -0.77 -19.46 7.17
CA SER B 219 -0.74 -19.62 8.63
C SER B 219 -2.08 -20.24 9.08
N GLU B 220 -3.19 -19.72 8.52
CA GLU B 220 -4.54 -20.19 8.84
C GLU B 220 -4.73 -21.67 8.48
N ALA B 221 -4.11 -22.17 7.42
CA ALA B 221 -4.28 -23.63 7.01
C ALA B 221 -3.61 -24.54 8.05
N LEU B 222 -2.41 -24.15 8.48
CA LEU B 222 -1.69 -24.94 9.51
C LEU B 222 -2.46 -24.87 10.84
N LYS B 223 -2.96 -23.68 11.20
CA LYS B 223 -3.77 -23.50 12.41
C LYS B 223 -4.99 -24.44 12.36
N GLN B 224 -5.60 -24.59 11.18
CA GLN B 224 -6.74 -25.49 10.94
C GLN B 224 -6.30 -26.94 11.20
N PHE B 225 -5.15 -27.35 10.69
CA PHE B 225 -4.73 -28.74 10.91
C PHE B 225 -4.42 -28.94 12.39
N MET B 226 -3.85 -27.93 13.04
CA MET B 226 -3.57 -28.07 14.49
C MET B 226 -4.88 -28.16 15.29
N GLU B 227 -5.91 -27.40 14.88
CA GLU B 227 -7.20 -27.39 15.59
C GLU B 227 -7.91 -28.73 15.47
N ILE B 228 -7.77 -29.39 14.33
CA ILE B 228 -8.34 -30.71 14.09
C ILE B 228 -7.70 -31.72 15.05
N GLU B 229 -6.40 -31.58 15.33
CA GLU B 229 -5.72 -32.30 16.44
C GLU B 229 -5.40 -33.76 16.09
N THR B 230 -6.40 -34.56 15.65
CA THR B 230 -6.25 -35.97 15.33
C THR B 230 -6.78 -36.30 13.94
N PRO B 231 -6.16 -37.23 13.18
CA PRO B 231 -6.68 -37.65 11.88
C PRO B 231 -8.13 -38.15 11.96
N ASP B 232 -8.44 -38.83 13.07
CA ASP B 232 -9.77 -39.39 13.31
C ASP B 232 -10.84 -38.30 13.35
N ASN B 233 -10.48 -37.06 13.69
CA ASN B 233 -11.44 -36.02 13.83
C ASN B 233 -11.62 -35.22 12.51
N VAL B 234 -10.98 -35.65 11.42
CA VAL B 234 -10.95 -34.81 10.18
C VAL B 234 -12.36 -34.72 9.60
N GLU B 235 -12.97 -35.90 9.45
CA GLU B 235 -14.30 -35.97 8.79
C GLU B 235 -15.32 -35.14 9.56
N LYS B 236 -15.38 -35.32 10.87
CA LYS B 236 -16.30 -34.56 11.68
C LYS B 236 -16.02 -33.06 11.57
N TYR B 237 -14.74 -32.66 11.71
CA TYR B 237 -14.39 -31.23 11.68
C TYR B 237 -14.79 -30.59 10.34
N VAL B 238 -14.44 -31.27 9.25
CA VAL B 238 -14.63 -30.69 7.88
C VAL B 238 -16.12 -30.60 7.58
N MET B 239 -16.86 -31.67 7.85
CA MET B 239 -18.31 -31.66 7.57
C MET B 239 -19.03 -30.53 8.34
N ASN B 240 -18.65 -30.28 9.60
CA ASN B 240 -19.26 -29.19 10.37
C ASN B 240 -18.90 -27.83 9.76
N LYS B 241 -17.67 -27.74 9.26
CA LYS B 241 -17.20 -26.51 8.67
C LYS B 241 -18.08 -26.19 7.47
N LEU B 242 -18.32 -27.21 6.64
CA LEU B 242 -19.02 -27.04 5.36
C LEU B 242 -20.53 -26.89 5.57
N SER B 243 -21.10 -27.64 6.52
CA SER B 243 -22.50 -27.49 6.93
C SER B 243 -22.79 -26.04 7.34
N SER B 244 -21.86 -25.43 8.08
CA SER B 244 -22.04 -24.13 8.71
C SER B 244 -21.70 -22.99 7.75
N GLY B 245 -21.25 -23.33 6.55
CA GLY B 245 -20.87 -22.36 5.53
C GLY B 245 -19.58 -21.61 5.86
N GLN B 246 -18.68 -22.24 6.64
CA GLN B 246 -17.34 -21.69 6.93
C GLN B 246 -16.38 -22.24 5.87
N ARG B 247 -15.34 -21.47 5.51
CA ARG B 247 -14.39 -21.88 4.44
C ARG B 247 -13.38 -22.92 4.98
N LEU B 248 -13.07 -23.93 4.16
CA LEU B 248 -11.87 -24.75 4.37
C LEU B 248 -10.66 -23.88 4.01
N MET B 249 -9.71 -23.71 4.94
CA MET B 249 -8.53 -22.91 4.70
C MET B 249 -7.64 -23.62 3.65
N GLY B 250 -7.03 -22.83 2.76
CA GLY B 250 -6.14 -23.31 1.67
C GLY B 250 -6.85 -24.00 0.50
N PHE B 251 -8.18 -23.78 0.39
CA PHE B 251 -9.02 -24.26 -0.75
C PHE B 251 -9.61 -23.07 -1.50
N GLY B 252 -9.69 -23.23 -2.82
CA GLY B 252 -10.25 -22.23 -3.70
C GLY B 252 -9.24 -21.25 -4.24
N HIS B 253 -9.63 -20.63 -5.35
CA HIS B 253 -8.76 -19.74 -6.10
C HIS B 253 -9.64 -18.95 -7.06
N ARG B 254 -9.33 -17.70 -7.26
CA ARG B 254 -10.02 -16.87 -8.26
C ARG B 254 -9.79 -17.37 -9.69
N ILE B 255 -8.62 -18.00 -9.97
CA ILE B 255 -8.25 -18.40 -11.31
C ILE B 255 -8.34 -19.93 -11.44
N TYR B 256 -7.63 -20.67 -10.58
CA TYR B 256 -7.68 -22.18 -10.65
C TYR B 256 -9.05 -22.75 -10.27
N LYS B 257 -9.55 -23.63 -11.15
CA LYS B 257 -10.76 -24.37 -10.95
C LYS B 257 -10.44 -25.87 -10.95
N THR B 258 -9.19 -26.18 -10.62
CA THR B 258 -8.63 -27.51 -10.51
C THR B 258 -7.51 -27.43 -9.47
N MET B 259 -6.80 -28.54 -9.24
CA MET B 259 -5.67 -28.57 -8.34
C MET B 259 -4.61 -27.54 -8.77
N ASP B 260 -4.18 -26.70 -7.81
CA ASP B 260 -3.14 -25.72 -8.02
C ASP B 260 -1.85 -26.49 -8.29
N PRO B 261 -1.12 -26.23 -9.38
CA PRO B 261 0.11 -26.96 -9.66
C PRO B 261 1.15 -26.79 -8.54
N ARG B 262 1.11 -25.65 -7.87
CA ARG B 262 2.03 -25.36 -6.80
C ARG B 262 1.72 -26.27 -5.60
N ALA B 263 0.44 -26.56 -5.36
CA ALA B 263 0.08 -27.44 -4.28
C ALA B 263 0.57 -28.86 -4.57
N LYS B 264 0.42 -29.28 -5.82
CA LYS B 264 0.84 -30.61 -6.25
C LYS B 264 2.37 -30.78 -6.01
N ILE B 265 3.14 -29.75 -6.37
CA ILE B 265 4.57 -29.82 -6.25
C ILE B 265 5.01 -29.78 -4.77
N LEU B 266 4.38 -28.92 -3.95
CA LEU B 266 4.68 -28.87 -2.53
C LEU B 266 4.41 -30.23 -1.89
N LYS B 267 3.27 -30.85 -2.24
CA LYS B 267 2.90 -32.13 -1.64
C LYS B 267 3.98 -33.17 -1.99
N GLU B 268 4.40 -33.16 -3.25
CA GLU B 268 5.44 -34.10 -3.73
C GLU B 268 6.74 -33.89 -2.95
N TYR B 269 7.22 -32.64 -2.86
CA TYR B 269 8.51 -32.36 -2.25
C TYR B 269 8.45 -32.56 -0.73
N ALA B 270 7.29 -32.34 -0.13
CA ALA B 270 7.12 -32.51 1.31
C ALA B 270 7.55 -33.93 1.74
N ASN B 271 7.47 -34.89 0.81
CA ASN B 271 7.87 -36.31 1.06
C ASN B 271 9.32 -36.46 1.48
N GLN B 272 10.21 -35.57 1.07
CA GLN B 272 11.61 -35.68 1.34
C GLN B 272 11.94 -35.13 2.75
N LEU B 273 10.99 -34.43 3.39
CA LEU B 273 11.24 -33.88 4.71
C LEU B 273 11.20 -35.01 5.74
N SER B 274 12.18 -35.02 6.63
CA SER B 274 12.12 -35.81 7.86
C SER B 274 11.08 -35.24 8.80
N LYS B 275 10.28 -36.12 9.40
CA LYS B 275 9.14 -35.67 10.18
C LYS B 275 9.16 -36.34 11.56
N ASN B 276 9.21 -35.52 12.62
CA ASN B 276 8.97 -36.01 13.99
C ASN B 276 7.50 -36.39 14.12
N GLU B 277 7.08 -36.77 15.34
CA GLU B 277 5.76 -37.34 15.47
C GLU B 277 4.69 -36.25 15.25
N GLU B 278 4.96 -35.02 15.72
CA GLU B 278 4.03 -33.88 15.52
C GLU B 278 3.82 -33.60 14.02
N ILE B 279 4.92 -33.51 13.28
CA ILE B 279 4.88 -33.18 11.88
C ILE B 279 4.18 -34.33 11.12
N LYS B 280 4.49 -35.58 11.46
CA LYS B 280 3.87 -36.69 10.75
C LYS B 280 2.35 -36.66 10.91
N ARG B 281 1.88 -36.35 12.11
CA ARG B 281 0.49 -36.29 12.48
C ARG B 281 -0.19 -35.17 11.66
N LEU B 282 0.44 -33.99 11.61
CA LEU B 282 -0.19 -32.87 10.93
C LEU B 282 -0.30 -33.15 9.41
N PHE B 283 0.68 -33.88 8.85
CA PHE B 283 0.64 -34.27 7.42
C PHE B 283 -0.47 -35.28 7.17
N GLU B 284 -0.67 -36.21 8.12
CA GLU B 284 -1.77 -37.15 8.01
C GLU B 284 -3.10 -36.37 8.02
N ILE B 285 -3.25 -35.43 8.94
CA ILE B 285 -4.46 -34.61 9.04
C ILE B 285 -4.65 -33.88 7.70
N ALA B 286 -3.59 -33.21 7.23
CA ALA B 286 -3.67 -32.38 6.01
C ALA B 286 -4.11 -33.25 4.82
N ASN B 287 -3.51 -34.44 4.70
CA ASN B 287 -3.81 -35.31 3.59
C ASN B 287 -5.28 -35.73 3.61
N ARG B 288 -5.83 -35.98 4.80
CA ARG B 288 -7.21 -36.39 4.92
C ARG B 288 -8.13 -35.22 4.61
N VAL B 289 -7.80 -34.03 5.10
CA VAL B 289 -8.57 -32.83 4.76
C VAL B 289 -8.58 -32.64 3.23
N GLU B 290 -7.42 -32.81 2.58
CA GLU B 290 -7.29 -32.69 1.13
C GLU B 290 -8.24 -33.63 0.40
N GLU B 291 -8.25 -34.89 0.81
CA GLU B 291 -9.08 -35.90 0.18
C GLU B 291 -10.56 -35.55 0.28
N ILE B 292 -11.05 -35.22 1.48
CA ILE B 292 -12.46 -34.92 1.68
C ILE B 292 -12.81 -33.61 0.98
N GLY B 293 -11.92 -32.61 1.03
CA GLY B 293 -12.17 -31.36 0.35
C GLY B 293 -12.32 -31.52 -1.15
N ILE B 294 -11.44 -32.29 -1.76
CA ILE B 294 -11.47 -32.50 -3.20
C ILE B 294 -12.79 -33.22 -3.56
N LYS B 295 -13.13 -34.21 -2.75
CA LYS B 295 -14.33 -35.04 -3.03
C LYS B 295 -15.57 -34.14 -3.06
N ILE B 296 -15.71 -33.25 -2.07
CA ILE B 296 -16.90 -32.43 -1.89
C ILE B 296 -16.81 -31.14 -2.71
N LEU B 297 -15.75 -30.36 -2.51
CA LEU B 297 -15.66 -29.02 -3.10
C LEU B 297 -15.10 -29.05 -4.54
N GLY B 298 -14.31 -30.09 -4.90
CA GLY B 298 -13.74 -30.18 -6.24
C GLY B 298 -14.79 -30.26 -7.35
N LYS B 299 -15.96 -30.79 -7.02
CA LYS B 299 -17.11 -30.89 -7.94
C LYS B 299 -17.47 -29.50 -8.47
N ARG B 300 -17.26 -28.45 -7.69
CA ARG B 300 -17.58 -27.09 -8.19
C ARG B 300 -16.32 -26.21 -8.28
N GLY B 301 -15.18 -26.82 -8.59
CA GLY B 301 -13.97 -26.14 -9.01
C GLY B 301 -13.17 -25.51 -7.86
N ILE B 302 -13.39 -26.03 -6.65
CA ILE B 302 -12.71 -25.55 -5.44
C ILE B 302 -11.77 -26.65 -4.94
N TYR B 303 -10.46 -26.38 -5.09
CA TYR B 303 -9.39 -27.33 -4.89
C TYR B 303 -8.33 -26.70 -3.97
N PRO B 304 -7.39 -27.52 -3.46
CA PRO B 304 -6.26 -27.00 -2.68
C PRO B 304 -5.51 -25.95 -3.52
N ASN B 305 -5.08 -24.89 -2.83
CA ASN B 305 -4.22 -23.90 -3.45
C ASN B 305 -2.84 -23.96 -2.78
N VAL B 306 -1.91 -23.09 -3.23
CA VAL B 306 -0.55 -23.01 -2.73
C VAL B 306 -0.49 -22.93 -1.21
N ASP B 307 -1.48 -22.33 -0.57
CA ASP B 307 -1.46 -22.11 0.91
C ASP B 307 -1.82 -23.36 1.72
N PHE B 308 -2.27 -24.43 1.06
CA PHE B 308 -2.72 -25.57 1.76
C PHE B 308 -1.56 -26.32 2.41
N TYR B 309 -0.47 -26.53 1.66
CA TYR B 309 0.70 -27.28 2.15
C TYR B 309 1.89 -26.37 2.52
N SER B 310 1.93 -25.11 2.07
CA SER B 310 3.13 -24.26 2.24
C SER B 310 3.47 -24.11 3.74
N GLY B 311 2.46 -23.79 4.56
CA GLY B 311 2.73 -23.55 5.99
C GLY B 311 3.29 -24.76 6.69
N LEU B 312 2.72 -25.95 6.42
CA LEU B 312 3.16 -27.17 7.00
C LEU B 312 4.60 -27.48 6.58
N VAL B 313 4.94 -27.21 5.32
CA VAL B 313 6.30 -27.40 4.80
C VAL B 313 7.28 -26.47 5.55
N PHE B 314 6.91 -25.20 5.67
CA PHE B 314 7.82 -24.23 6.35
C PHE B 314 7.99 -24.62 7.82
N TYR B 315 6.88 -25.01 8.47
CA TYR B 315 6.89 -25.42 9.85
C TYR B 315 7.81 -26.63 10.04
N ALA B 316 7.71 -27.58 9.11
CA ALA B 316 8.48 -28.84 9.17
C ALA B 316 9.96 -28.52 9.00
N MET B 317 10.31 -27.41 8.34
CA MET B 317 11.71 -27.01 8.12
C MET B 317 12.25 -26.13 9.27
N GLY B 318 11.41 -25.80 10.27
CA GLY B 318 11.89 -25.12 11.47
C GLY B 318 11.53 -23.66 11.56
N PHE B 319 10.64 -23.16 10.68
CA PHE B 319 10.13 -21.79 10.80
C PHE B 319 8.94 -21.73 11.74
N ASP B 320 8.88 -20.67 12.54
CA ASP B 320 7.74 -20.36 13.36
C ASP B 320 6.49 -20.15 12.48
N PRO B 321 5.27 -20.61 12.84
CA PRO B 321 4.06 -20.35 12.05
C PRO B 321 3.65 -18.92 11.71
N ASP B 322 3.92 -17.99 12.63
CA ASP B 322 3.65 -16.61 12.42
C ASP B 322 4.47 -16.04 11.25
N LEU B 323 5.48 -16.77 10.75
CA LEU B 323 6.41 -16.20 9.78
C LEU B 323 6.01 -16.55 8.33
N PHE B 324 5.02 -17.43 8.14
CA PHE B 324 4.78 -17.96 6.81
C PHE B 324 4.47 -16.86 5.79
N PRO B 325 3.68 -15.82 6.13
CA PRO B 325 3.46 -14.75 5.16
C PRO B 325 4.74 -13.97 4.78
N THR B 326 5.67 -13.85 5.73
CA THR B 326 6.93 -13.16 5.45
C THR B 326 7.75 -14.00 4.47
N ILE B 327 7.71 -15.32 4.60
CA ILE B 327 8.46 -16.17 3.71
C ILE B 327 7.87 -16.09 2.28
N PHE B 328 6.55 -16.12 2.19
CA PHE B 328 5.81 -15.79 0.93
C PHE B 328 6.36 -14.49 0.34
N ALA B 329 6.37 -13.38 1.10
CA ALA B 329 6.82 -12.13 0.57
C ALA B 329 8.26 -12.24 0.10
N SER B 330 9.11 -12.98 0.83
CA SER B 330 10.56 -13.09 0.46
C SER B 330 10.75 -13.59 -0.98
N ALA B 331 9.82 -14.40 -1.50
CA ALA B 331 9.84 -14.85 -2.88
C ALA B 331 9.04 -13.94 -3.80
N ARG B 332 7.82 -13.58 -3.35
CA ARG B 332 6.89 -12.79 -4.19
C ARG B 332 7.43 -11.40 -4.52
N VAL B 333 8.31 -10.82 -3.71
CA VAL B 333 8.91 -9.58 -4.06
C VAL B 333 9.54 -9.58 -5.46
N ILE B 334 10.08 -10.73 -5.91
CA ILE B 334 10.64 -10.80 -7.28
C ILE B 334 9.54 -10.54 -8.32
N GLY B 335 8.40 -11.23 -8.18
CA GLY B 335 7.28 -11.06 -9.09
C GLY B 335 6.66 -9.67 -9.01
N TRP B 336 6.51 -9.16 -7.79
CA TRP B 336 5.97 -7.82 -7.67
C TRP B 336 6.81 -6.82 -8.48
N THR B 337 8.13 -6.83 -8.21
CA THR B 337 9.04 -5.89 -8.84
C THR B 337 9.12 -6.14 -10.34
N ALA B 338 9.12 -7.40 -10.77
CA ALA B 338 9.09 -7.65 -12.22
C ALA B 338 7.82 -7.07 -12.87
N HIS B 339 6.68 -7.23 -12.22
CA HIS B 339 5.40 -6.68 -12.71
C HIS B 339 5.44 -5.16 -12.81
N VAL B 340 6.08 -4.49 -11.84
CA VAL B 340 6.13 -3.08 -11.85
C VAL B 340 7.05 -2.63 -13.00
N ASP B 341 8.17 -3.29 -13.15
CA ASP B 341 9.09 -2.93 -14.21
C ASP B 341 8.42 -3.06 -15.57
N GLU B 342 7.67 -4.15 -15.75
CA GLU B 342 6.98 -4.40 -17.01
C GLU B 342 5.97 -3.28 -17.29
N TYR B 343 5.14 -2.99 -16.29
CA TYR B 343 4.06 -2.00 -16.41
C TYR B 343 4.62 -0.62 -16.78
N LEU B 344 5.71 -0.21 -16.11
CA LEU B 344 6.27 1.10 -16.27
C LEU B 344 6.91 1.31 -17.64
N LYS B 345 7.03 0.26 -18.45
CA LYS B 345 7.47 0.49 -19.84
C LYS B 345 6.44 1.34 -20.60
N ASP B 346 5.18 1.33 -20.16
CA ASP B 346 4.14 2.17 -20.73
C ASP B 346 3.09 2.43 -19.65
N ASN B 347 3.44 3.34 -18.73
CA ASN B 347 2.66 3.51 -17.51
C ASN B 347 1.30 4.13 -17.84
N LYS B 348 0.28 3.73 -17.07
CA LYS B 348 -0.97 4.46 -17.00
C LYS B 348 -1.50 4.47 -15.57
N LEU B 349 -1.86 5.66 -15.07
CA LEU B 349 -2.41 5.81 -13.77
C LEU B 349 -3.61 4.89 -13.62
N ILE B 350 -3.67 4.19 -12.48
CA ILE B 350 -4.81 3.36 -12.18
C ILE B 350 -5.79 4.16 -11.33
N ARG B 351 -6.87 4.61 -11.98
CA ARG B 351 -7.86 5.52 -11.37
C ARG B 351 -9.26 5.06 -11.74
N PRO B 352 -9.86 4.16 -10.95
CA PRO B 352 -11.20 3.67 -11.23
C PRO B 352 -12.26 4.66 -10.74
N LYS B 353 -13.51 4.23 -10.69
CA LYS B 353 -14.57 5.10 -10.20
C LYS B 353 -15.42 4.33 -9.20
N ALA B 354 -16.37 5.06 -8.60
CA ALA B 354 -17.39 4.48 -7.77
C ALA B 354 -18.73 4.79 -8.39
N ILE B 355 -19.73 4.00 -8.03
CA ILE B 355 -21.14 4.32 -8.36
C ILE B 355 -21.75 4.92 -7.11
N TYR B 356 -22.31 6.13 -7.25
CA TYR B 356 -22.80 6.87 -6.10
C TYR B 356 -24.24 6.45 -5.80
N VAL B 357 -24.52 6.04 -4.56
CA VAL B 357 -25.85 5.59 -4.19
C VAL B 357 -26.41 6.35 -2.98
N GLY B 358 -25.84 7.52 -2.67
CA GLY B 358 -26.25 8.25 -1.46
C GLY B 358 -27.23 9.36 -1.79
N ASP B 359 -27.30 10.33 -0.88
CA ASP B 359 -28.14 11.49 -1.04
C ASP B 359 -27.35 12.69 -1.58
N LEU B 360 -28.08 13.69 -2.05
CA LEU B 360 -27.48 14.89 -2.63
C LEU B 360 -28.31 16.09 -2.17
N GLY B 361 -27.67 17.23 -2.06
CA GLY B 361 -28.36 18.52 -1.87
C GLY B 361 -28.99 18.69 -0.51
N LYS B 362 -28.42 18.05 0.51
CA LYS B 362 -28.96 18.15 1.86
C LYS B 362 -28.69 19.55 2.41
N ARG B 363 -29.66 20.12 3.10
CA ARG B 363 -29.49 21.43 3.70
C ARG B 363 -28.64 21.28 4.98
N TYR B 364 -27.58 22.06 5.09
CA TYR B 364 -26.74 22.11 6.25
C TYR B 364 -27.52 22.78 7.40
N VAL B 365 -27.65 22.06 8.51
CA VAL B 365 -28.36 22.50 9.67
C VAL B 365 -27.29 22.84 10.68
N PRO B 366 -27.23 24.05 11.22
CA PRO B 366 -26.15 24.41 12.15
C PRO B 366 -26.38 23.64 13.44
N ILE B 367 -25.32 23.52 14.24
CA ILE B 367 -25.34 22.53 15.31
C ILE B 367 -26.42 22.81 16.36
N GLU B 368 -26.70 24.09 16.62
CA GLU B 368 -27.66 24.42 17.66
C GLU B 368 -29.07 24.01 17.29
N GLU B 369 -29.33 23.74 16.00
CA GLU B 369 -30.64 23.33 15.52
C GLU B 369 -30.79 21.81 15.41
N ARG B 370 -29.74 21.04 15.70
CA ARG B 370 -29.77 19.60 15.72
C ARG B 370 -30.14 19.14 17.14
#